data_8X5V
#
_entry.id   8X5V
#
_cell.length_a   144.75
_cell.length_b   99.21
_cell.length_c   119.3
_cell.angle_alpha   90
_cell.angle_beta   97.087
_cell.angle_gamma   90
#
_symmetry.space_group_name_H-M   'C 1 2 1'
#
loop_
_entity.id
_entity.type
_entity.pdbx_description
1 polymer BlCas9
2 polymer 'RNA (110-mer)'
3 polymer 'DNA (28-mer)'
4 polymer 'DNA (8-mer)'
5 non-polymer 1,2-ETHANEDIOL
6 non-polymer 'SULFATE ION'
7 non-polymer 'CHLORIDE ION'
8 water water
#
loop_
_entity_poly.entity_id
_entity_poly.type
_entity_poly.pdbx_seq_one_letter_code
_entity_poly.pdbx_strand_id
1 'polypeptide(L)'
;MAYTMGIDVGIASCGWAIVDLERQRIIDIGVRTFEKAENPKNGEALAVPRREARSSRRRLRRKKHRIERLKHMFVRNGLA
VDIQHLEQTLRSQNEIDVWQLRVDGLDRMLTQKEWLRVLIHLAQRRGFQSNRKTDGSSEDGQVLVNVTENDRLMEEKDYR
TVAEMMVKDEKFSDHKRNKNGNYHGVVSRSSLLVEIHTLFETQRQHHNSLASKDFELEYVNIWSAQRPVATKDQIEKMIG
TCTFLPKEKRAPKASWHFQYFMLLQTINHIRITNVQGTRSLNKEEIEQVVNMALTKSKVSYHDTRKILDLSEEYQFVGLD
YGKEDEKKKVESKETIIKLDDYHKLNKIFNEVELAKGETWEADDYDTVAYALTFFKDDEDIRDYLQNKYKDSKNRLVKNL
ANKEYTNELIGKVSTLSFRKVGHLSLKALRKIIPFLEQGMTYDKACQAAGFDFQGISKKKRSVVLPVIDQISNPVVNRAL
TQTRKVINALIKKYGSPETIHIETGGGSGGYITKYLSHFISTNLEFSPSDKKKKVVNTSGRITSHLRSRWGLEKNRGQND
LHHAMDAIVIAVTSDSFIQQVTNYYKRKERRELNGDDKFPLPWKFFREEVIARLSPNPKEQIEALPNHFYSEDELADLQP
IFVSRMPKRSITGEAHQAQFRRVVGKTKEGKNITAKKTALVDISYDKNGDFNMYGRETDPATYEAIKERYLEFGGNVKKA
FSTDLHKPKKDGTKGPLIKSVRIMENKTLVHPVNKGKGVVYNSSIVRTDVFQRKEKYYLLPVYVTDVTKGKLPNKVIVAK
KGYHDWIEVDDSFTFLFSLYPNDLIFIRQNPKKKISLKKRIESHSISDSKEVQEIHAYYKGVDSSTAAIEFIIHDGSYYA
KGVGVQNLDCFEKYQVDILGNYFKVKGEKRLELETSDSNHKGKDVNSIKSTSR
;
A
2 'polyribonucleotide'
;GGAAAUUAGGUGCGCUUGGCGCUAUAGUUCCUUGAAAAAGUUGCUAUAGUAAGGGCAACAGACCCGAGGCGUUGGGGAUC
GCCUAGCCCGUUUUUACGGGCUCUCCCCAU
;
B
3 'polydeoxyribonucleotide'
;(DT)(DT)(DT)(DG)(DG)(DA)(DA)(DA)(DG)(DC)(DC)(DA)(DA)(DG)(DC)(DG)(DC)(DA)(DC)(DC)
(DT)(DA)(DA)(DT)(DT)(DT)(DC)(DC)
;
C
4 'polydeoxyribonucleotide' (DT)(DT)(DT)(DC)(DC)(DA)(DA)(DA) D
#
# COMPACT_ATOMS: atom_id res chain seq x y z
N MET A 1 -23.54 28.19 -26.23
CA MET A 1 -22.78 26.92 -26.09
C MET A 1 -21.48 27.08 -25.27
N ALA A 2 -21.35 28.15 -24.46
CA ALA A 2 -20.29 28.25 -23.46
C ALA A 2 -20.86 27.91 -22.08
N TYR A 3 -20.05 27.21 -21.26
CA TYR A 3 -20.47 26.80 -19.94
C TYR A 3 -19.28 26.79 -18.99
N THR A 4 -19.59 26.86 -17.69
CA THR A 4 -18.63 26.65 -16.62
C THR A 4 -18.80 25.22 -16.07
N MET A 5 -17.69 24.46 -16.01
CA MET A 5 -17.63 23.15 -15.38
C MET A 5 -17.16 23.31 -13.94
N GLY A 6 -17.94 22.75 -12.98
CA GLY A 6 -17.50 22.57 -11.61
C GLY A 6 -17.23 21.09 -11.33
N ILE A 7 -16.17 20.81 -10.54
CA ILE A 7 -15.71 19.47 -10.24
C ILE A 7 -15.35 19.41 -8.74
N ASP A 8 -15.89 18.42 -8.04
CA ASP A 8 -15.57 18.12 -6.65
C ASP A 8 -14.97 16.70 -6.60
N VAL A 9 -13.66 16.60 -6.32
CA VAL A 9 -12.88 15.38 -6.47
C VAL A 9 -12.43 14.93 -5.08
N GLY A 10 -12.85 13.73 -4.68
CA GLY A 10 -12.24 13.06 -3.55
C GLY A 10 -11.49 11.83 -4.02
N ILE A 11 -11.03 11.02 -3.08
CA ILE A 11 -10.42 9.73 -3.39
C ILE A 11 -11.47 8.68 -3.75
N ALA A 12 -12.77 8.89 -3.45
CA ALA A 12 -13.82 7.91 -3.75
C ALA A 12 -14.95 8.46 -4.64
N SER A 13 -14.89 9.72 -5.10
CA SER A 13 -15.98 10.27 -5.89
C SER A 13 -15.56 11.54 -6.62
N CYS A 14 -16.25 11.78 -7.75
CA CYS A 14 -16.15 13.01 -8.53
C CYS A 14 -17.57 13.56 -8.76
N GLY A 15 -17.92 14.61 -8.00
CA GLY A 15 -19.14 15.36 -8.26
C GLY A 15 -18.91 16.37 -9.38
N TRP A 16 -19.91 16.58 -10.25
CA TRP A 16 -19.74 17.49 -11.38
C TRP A 16 -21.02 18.29 -11.67
N ALA A 17 -20.82 19.48 -12.28
CA ALA A 17 -21.88 20.43 -12.60
C ALA A 17 -21.53 21.15 -13.91
N ILE A 18 -22.51 21.22 -14.84
CA ILE A 18 -22.46 22.05 -16.03
C ILE A 18 -23.38 23.23 -15.77
N VAL A 19 -22.81 24.44 -15.74
CA VAL A 19 -23.53 25.65 -15.38
C VAL A 19 -23.36 26.66 -16.52
N ASP A 20 -24.45 27.37 -16.86
CA ASP A 20 -24.44 28.46 -17.82
C ASP A 20 -24.58 29.78 -17.08
N LEU A 21 -23.47 30.51 -16.96
CA LEU A 21 -23.41 31.73 -16.16
C LEU A 21 -24.11 32.91 -16.84
N GLU A 22 -24.35 32.83 -18.17
CA GLU A 22 -25.03 33.87 -18.92
C GLU A 22 -26.54 33.60 -18.83
N ARG A 23 -27.00 32.46 -19.34
CA ARG A 23 -28.40 32.04 -19.17
C ARG A 23 -28.79 32.03 -17.68
N GLN A 24 -27.82 31.89 -16.75
CA GLN A 24 -28.05 31.79 -15.31
C GLN A 24 -28.92 30.58 -15.00
N ARG A 25 -28.42 29.41 -15.40
CA ARG A 25 -29.13 28.15 -15.27
C ARG A 25 -28.14 27.02 -15.03
N ILE A 26 -28.53 26.09 -14.15
CA ILE A 26 -27.87 24.80 -14.04
C ILE A 26 -28.28 24.00 -15.27
N ILE A 27 -27.30 23.52 -16.05
CA ILE A 27 -27.58 22.69 -17.20
C ILE A 27 -27.75 21.24 -16.77
N ASP A 28 -26.77 20.73 -16.01
CA ASP A 28 -26.64 19.29 -15.81
C ASP A 28 -25.71 19.04 -14.61
N ILE A 29 -26.07 18.07 -13.76
CA ILE A 29 -25.24 17.73 -12.60
C ILE A 29 -25.19 16.21 -12.44
N GLY A 30 -24.19 15.75 -11.71
CA GLY A 30 -24.10 14.34 -11.41
C GLY A 30 -22.93 13.99 -10.50
N VAL A 31 -22.81 12.68 -10.25
CA VAL A 31 -21.78 12.13 -9.37
C VAL A 31 -21.34 10.80 -9.92
N ARG A 32 -20.02 10.62 -10.00
CA ARG A 32 -19.36 9.37 -10.32
C ARG A 32 -18.62 8.92 -9.06
N THR A 33 -18.91 7.72 -8.55
CA THR A 33 -18.28 7.18 -7.36
C THR A 33 -17.35 6.04 -7.75
N PHE A 34 -16.34 5.82 -6.89
CA PHE A 34 -15.41 4.71 -7.09
C PHE A 34 -14.85 4.31 -5.71
N GLU A 35 -15.67 3.59 -4.94
CA GLU A 35 -15.51 3.44 -3.50
C GLU A 35 -14.27 2.58 -3.21
N GLU A 44 -5.31 -0.95 5.53
CA GLU A 44 -4.16 -1.12 4.60
C GLU A 44 -4.41 -0.28 3.34
N ALA A 45 -3.45 -0.29 2.41
CA ALA A 45 -3.57 0.23 1.04
C ALA A 45 -3.78 -0.92 0.05
N LEU A 46 -4.15 -0.58 -1.19
CA LEU A 46 -4.74 -1.56 -2.10
C LEU A 46 -3.76 -2.69 -2.45
N ALA A 47 -2.46 -2.39 -2.60
CA ALA A 47 -1.49 -3.38 -3.09
C ALA A 47 -0.83 -4.19 -1.96
N VAL A 48 -1.10 -3.88 -0.68
CA VAL A 48 -0.34 -4.41 0.44
C VAL A 48 -0.54 -5.92 0.59
N PRO A 49 -1.78 -6.47 0.68
CA PRO A 49 -1.93 -7.93 0.76
C PRO A 49 -1.27 -8.65 -0.41
N ARG A 50 -1.29 -8.05 -1.60
CA ARG A 50 -0.66 -8.67 -2.75
C ARG A 50 0.85 -8.72 -2.57
N ARG A 51 1.44 -7.60 -2.10
CA ARG A 51 2.87 -7.49 -1.87
C ARG A 51 3.34 -8.49 -0.82
N GLU A 52 2.60 -8.58 0.29
CA GLU A 52 2.89 -9.50 1.39
C GLU A 52 2.73 -10.95 0.94
N ALA A 53 1.71 -11.27 0.13
CA ALA A 53 1.57 -12.62 -0.39
C ALA A 53 2.74 -13.01 -1.30
N ARG A 54 3.18 -12.04 -2.12
CA ARG A 54 4.38 -12.18 -2.93
C ARG A 54 5.61 -12.55 -2.09
N SER A 55 5.82 -11.80 -0.99
CA SER A 55 6.95 -12.03 -0.10
C SER A 55 6.91 -13.43 0.53
N SER A 56 5.71 -13.82 0.97
CA SER A 56 5.50 -15.10 1.63
C SER A 56 5.78 -16.25 0.65
N ARG A 57 5.23 -16.18 -0.57
CA ARG A 57 5.42 -17.23 -1.57
C ARG A 57 6.90 -17.41 -1.85
N ARG A 58 7.65 -16.30 -2.03
CA ARG A 58 9.08 -16.36 -2.32
C ARG A 58 9.89 -16.91 -1.15
N ARG A 59 9.66 -16.43 0.07
CA ARG A 59 10.36 -16.92 1.25
C ARG A 59 10.22 -18.45 1.35
N LEU A 60 8.98 -18.96 1.25
CA LEU A 60 8.71 -20.38 1.41
C LEU A 60 9.38 -21.19 0.30
N ARG A 61 9.31 -20.67 -0.93
CA ARG A 61 9.88 -21.34 -2.09
C ARG A 61 11.40 -21.44 -1.96
N ARG A 62 12.01 -20.35 -1.47
CA ARG A 62 13.46 -20.27 -1.40
C ARG A 62 13.97 -21.17 -0.29
N LYS A 63 13.24 -21.26 0.82
CA LYS A 63 13.57 -22.18 1.91
C LYS A 63 13.51 -23.64 1.43
N LYS A 64 12.46 -23.96 0.68
CA LYS A 64 12.24 -25.30 0.17
C LYS A 64 13.38 -25.68 -0.78
N HIS A 65 13.74 -24.75 -1.66
CA HIS A 65 14.82 -24.97 -2.60
C HIS A 65 16.15 -25.23 -1.89
N ARG A 66 16.41 -24.51 -0.80
CA ARG A 66 17.63 -24.70 -0.03
C ARG A 66 17.70 -26.13 0.53
N ILE A 67 16.60 -26.62 1.11
CA ILE A 67 16.53 -27.97 1.64
C ILE A 67 16.66 -28.97 0.49
N GLU A 68 15.95 -28.74 -0.62
CA GLU A 68 16.06 -29.56 -1.81
C GLU A 68 17.49 -29.62 -2.34
N ARG A 69 18.19 -28.46 -2.42
CA ARG A 69 19.58 -28.47 -2.89
C ARG A 69 20.44 -29.32 -1.97
N LEU A 70 20.22 -29.23 -0.64
CA LEU A 70 20.95 -30.04 0.32
C LEU A 70 20.68 -31.53 0.12
N LYS A 71 19.42 -31.93 -0.11
CA LYS A 71 19.06 -33.32 -0.31
C LYS A 71 19.72 -33.87 -1.57
N HIS A 72 19.78 -33.06 -2.63
CA HIS A 72 20.45 -33.46 -3.87
C HIS A 72 21.94 -33.68 -3.63
N MET A 73 22.58 -32.80 -2.86
CA MET A 73 23.97 -32.95 -2.49
C MET A 73 24.20 -34.23 -1.71
N PHE A 74 23.29 -34.56 -0.77
CA PHE A 74 23.49 -35.70 0.12
C PHE A 74 23.55 -37.02 -0.65
N VAL A 75 22.74 -37.14 -1.70
CA VAL A 75 22.88 -38.21 -2.68
C VAL A 75 24.29 -38.20 -3.27
N ARG A 76 24.67 -37.08 -3.90
CA ARG A 76 25.90 -36.95 -4.68
C ARG A 76 27.14 -37.18 -3.83
N ASN A 77 27.20 -36.63 -2.60
CA ASN A 77 28.33 -36.82 -1.71
C ASN A 77 28.33 -38.20 -1.02
N GLY A 78 27.26 -38.99 -1.17
CA GLY A 78 27.22 -40.38 -0.75
C GLY A 78 26.79 -40.58 0.71
N LEU A 79 25.77 -39.83 1.16
CA LEU A 79 25.05 -40.09 2.41
C LEU A 79 23.86 -41.00 2.15
N ALA A 80 23.43 -41.07 0.89
CA ALA A 80 22.38 -41.99 0.47
C ALA A 80 22.60 -42.30 -1.01
N VAL A 81 21.85 -43.31 -1.46
CA VAL A 81 21.96 -43.85 -2.80
C VAL A 81 21.25 -42.89 -3.75
N ASP A 82 20.00 -42.53 -3.40
CA ASP A 82 19.13 -41.64 -4.17
C ASP A 82 18.14 -40.97 -3.23
N ILE A 83 17.23 -40.12 -3.77
CA ILE A 83 16.29 -39.34 -2.96
C ILE A 83 15.19 -40.23 -2.40
N GLN A 84 14.76 -41.26 -3.16
CA GLN A 84 13.78 -42.23 -2.69
C GLN A 84 14.32 -42.98 -1.47
N HIS A 85 15.60 -43.42 -1.53
CA HIS A 85 16.31 -44.00 -0.38
C HIS A 85 16.34 -43.02 0.79
N LEU A 86 16.73 -41.77 0.53
CA LEU A 86 16.96 -40.74 1.54
C LEU A 86 15.68 -40.42 2.33
N GLU A 87 14.54 -40.31 1.64
CA GLU A 87 13.27 -39.99 2.28
C GLU A 87 12.84 -41.14 3.21
N GLN A 88 12.85 -42.38 2.70
CA GLN A 88 12.46 -43.57 3.45
C GLN A 88 13.33 -43.67 4.73
N THR A 89 14.66 -43.63 4.54
CA THR A 89 15.66 -43.61 5.60
C THR A 89 15.21 -42.72 6.76
N LEU A 90 14.96 -41.43 6.48
CA LEU A 90 14.70 -40.43 7.51
C LEU A 90 13.27 -40.53 8.04
N ARG A 91 12.33 -41.00 7.20
CA ARG A 91 10.98 -41.35 7.63
C ARG A 91 10.93 -42.79 8.19
N SER A 92 12.06 -43.33 8.66
CA SER A 92 12.07 -44.32 9.74
C SER A 92 11.95 -43.61 11.10
N GLN A 93 11.74 -44.42 12.15
CA GLN A 93 11.34 -43.96 13.47
C GLN A 93 12.47 -43.20 14.17
N ASN A 94 12.27 -41.89 14.35
CA ASN A 94 13.19 -41.01 15.08
C ASN A 94 13.16 -41.35 16.57
N GLU A 95 14.30 -41.79 17.12
CA GLU A 95 14.41 -42.10 18.53
C GLU A 95 14.75 -40.83 19.31
N ILE A 96 15.79 -40.10 18.88
CA ILE A 96 16.37 -39.03 19.67
C ILE A 96 15.98 -37.69 19.03
N ASP A 97 15.77 -36.70 19.91
CA ASP A 97 15.39 -35.37 19.53
C ASP A 97 16.57 -34.73 18.80
N VAL A 98 16.32 -34.13 17.63
CA VAL A 98 17.42 -33.61 16.80
C VAL A 98 18.22 -32.53 17.53
N TRP A 99 17.61 -31.78 18.47
CA TRP A 99 18.39 -30.85 19.29
C TRP A 99 19.39 -31.61 20.16
N GLN A 100 18.98 -32.76 20.73
CA GLN A 100 19.89 -33.61 21.48
C GLN A 100 20.98 -34.18 20.56
N LEU A 101 20.64 -34.60 19.33
CA LEU A 101 21.65 -35.06 18.38
C LEU A 101 22.69 -33.99 18.07
N ARG A 102 22.25 -32.72 17.90
CA ARG A 102 23.15 -31.59 17.71
C ARG A 102 24.12 -31.40 18.86
N VAL A 103 23.66 -31.61 20.10
CA VAL A 103 24.57 -31.59 21.24
C VAL A 103 25.42 -32.87 21.28
N ASP A 104 24.83 -34.05 21.01
CA ASP A 104 25.60 -35.29 21.07
C ASP A 104 26.75 -35.29 20.06
N GLY A 105 26.55 -34.67 18.88
CA GLY A 105 27.54 -34.65 17.82
C GLY A 105 28.82 -33.88 18.15
N LEU A 106 28.83 -33.14 19.26
CA LEU A 106 30.00 -32.44 19.74
C LEU A 106 30.98 -33.39 20.42
N ASP A 107 30.47 -34.48 21.05
CA ASP A 107 31.27 -35.38 21.87
C ASP A 107 31.24 -36.84 21.40
N ARG A 108 30.50 -37.19 20.35
CA ARG A 108 30.49 -38.57 19.85
C ARG A 108 30.25 -38.56 18.35
N MET A 109 30.59 -39.68 17.70
CA MET A 109 30.28 -39.88 16.30
C MET A 109 28.77 -40.01 16.19
N LEU A 110 28.16 -39.29 15.23
CA LEU A 110 26.76 -39.49 14.91
C LEU A 110 26.68 -40.56 13.82
N THR A 111 25.58 -41.34 13.81
CA THR A 111 25.31 -42.26 12.73
C THR A 111 24.98 -41.48 11.47
N GLN A 112 24.98 -42.16 10.32
CA GLN A 112 24.54 -41.58 9.05
C GLN A 112 23.15 -40.92 9.17
N LYS A 113 22.18 -41.65 9.74
CA LYS A 113 20.81 -41.16 9.89
C LYS A 113 20.77 -39.92 10.79
N GLU A 114 21.40 -40.01 11.96
CA GLU A 114 21.48 -38.89 12.90
C GLU A 114 22.12 -37.66 12.22
N TRP A 115 23.20 -37.87 11.44
CA TRP A 115 23.94 -36.79 10.81
C TRP A 115 23.07 -36.08 9.80
N LEU A 116 22.39 -36.87 8.96
CA LEU A 116 21.47 -36.34 7.97
C LEU A 116 20.37 -35.48 8.62
N ARG A 117 19.78 -35.98 9.71
CA ARG A 117 18.75 -35.21 10.41
C ARG A 117 19.32 -33.89 10.93
N VAL A 118 20.53 -33.93 11.51
CA VAL A 118 21.20 -32.74 12.04
C VAL A 118 21.42 -31.71 10.92
N LEU A 119 21.87 -32.16 9.75
CA LEU A 119 22.20 -31.24 8.68
C LEU A 119 20.92 -30.63 8.08
N ILE A 120 19.85 -31.42 8.01
CA ILE A 120 18.56 -30.89 7.58
C ILE A 120 18.02 -29.86 8.59
N HIS A 121 18.07 -30.24 9.87
CA HIS A 121 17.57 -29.38 10.90
C HIS A 121 18.30 -28.04 10.94
N LEU A 122 19.62 -28.05 10.77
CA LEU A 122 20.39 -26.81 10.75
C LEU A 122 20.01 -25.93 9.58
N ALA A 123 19.50 -26.49 8.48
CA ALA A 123 19.09 -25.69 7.33
C ALA A 123 17.66 -25.18 7.42
N GLN A 124 16.87 -25.51 8.45
CA GLN A 124 15.49 -25.06 8.52
C GLN A 124 15.36 -23.56 8.76
N ARG A 125 16.20 -23.02 9.66
CA ARG A 125 16.12 -21.66 10.16
C ARG A 125 17.55 -21.14 10.32
N ARG A 126 17.88 -19.99 9.70
CA ARG A 126 19.26 -19.54 9.55
C ARG A 126 19.63 -18.38 10.48
N GLY A 127 18.70 -17.94 11.35
CA GLY A 127 18.98 -16.85 12.26
C GLY A 127 19.00 -15.48 11.58
N PHE A 128 19.21 -14.47 12.45
CA PHE A 128 19.17 -13.07 12.12
C PHE A 128 20.51 -12.57 11.52
N GLN A 129 20.43 -11.81 10.43
CA GLN A 129 21.60 -11.13 9.87
C GLN A 129 21.16 -9.72 9.54
N SER A 130 21.79 -8.74 10.20
CA SER A 130 21.50 -7.33 10.01
C SER A 130 21.81 -6.94 8.57
N ASN A 131 20.95 -6.10 7.98
CA ASN A 131 21.34 -5.35 6.80
C ASN A 131 21.48 -3.85 7.10
N ARG A 132 21.61 -3.43 8.36
CA ARG A 132 21.56 -2.03 8.77
C ARG A 132 22.72 -1.24 8.15
N LYS A 133 22.43 -0.04 7.61
CA LYS A 133 23.43 0.87 7.02
C LYS A 133 23.58 2.18 7.81
N THR A 134 22.52 2.73 8.40
CA THR A 134 22.61 4.00 9.14
C THR A 134 23.49 3.82 10.39
N GLU A 139 15.54 2.90 19.23
CA GLU A 139 15.64 1.88 20.32
C GLU A 139 15.77 0.48 19.68
N ASP A 140 16.37 -0.46 20.43
CA ASP A 140 16.55 -1.83 19.99
C ASP A 140 15.24 -2.60 20.19
N GLY A 141 14.75 -3.26 19.14
CA GLY A 141 13.52 -4.04 19.20
C GLY A 141 13.72 -5.42 19.82
N GLN A 142 12.64 -6.19 19.93
CA GLN A 142 12.66 -7.46 20.64
C GLN A 142 13.53 -8.51 19.95
N VAL A 143 13.70 -8.44 18.62
CA VAL A 143 14.59 -9.36 17.92
C VAL A 143 16.04 -9.04 18.29
N LEU A 144 16.46 -7.78 18.16
CA LEU A 144 17.84 -7.39 18.44
C LEU A 144 18.24 -7.68 19.89
N VAL A 145 17.33 -7.49 20.86
CA VAL A 145 17.63 -7.73 22.26
C VAL A 145 17.87 -9.22 22.47
N ASN A 146 17.00 -10.06 21.90
CA ASN A 146 17.16 -11.50 22.06
C ASN A 146 18.40 -12.04 21.35
N VAL A 147 18.73 -11.52 20.16
CA VAL A 147 19.94 -11.92 19.46
C VAL A 147 21.16 -11.60 20.32
N THR A 148 21.18 -10.37 20.85
CA THR A 148 22.26 -9.92 21.71
C THR A 148 22.35 -10.75 23.00
N GLU A 149 21.21 -10.99 23.65
CA GLU A 149 21.17 -11.79 24.87
C GLU A 149 21.66 -13.22 24.59
N ASN A 150 21.22 -13.81 23.48
CA ASN A 150 21.61 -15.18 23.17
C ASN A 150 23.09 -15.24 22.90
N ASP A 151 23.64 -14.26 22.17
CA ASP A 151 25.09 -14.18 21.97
C ASP A 151 25.83 -14.07 23.31
N ARG A 152 25.33 -13.27 24.25
CA ARG A 152 25.94 -13.14 25.56
CA ARG A 152 25.88 -13.12 25.58
C ARG A 152 25.84 -14.45 26.34
N LEU A 153 24.67 -15.12 26.31
CA LEU A 153 24.55 -16.40 27.02
C LEU A 153 25.60 -17.40 26.56
N MET A 154 25.83 -17.49 25.24
CA MET A 154 26.76 -18.46 24.66
C MET A 154 28.19 -18.12 25.03
N GLU A 155 28.55 -16.82 24.95
CA GLU A 155 29.89 -16.35 25.32
C GLU A 155 30.16 -16.57 26.83
N GLU A 156 29.23 -16.20 27.73
CA GLU A 156 29.45 -16.21 29.17
C GLU A 156 29.35 -17.60 29.83
N LYS A 157 28.43 -18.46 29.37
CA LYS A 157 28.22 -19.78 29.96
C LYS A 157 29.03 -20.87 29.26
N ASP A 158 29.83 -20.51 28.23
CA ASP A 158 30.68 -21.46 27.51
C ASP A 158 29.85 -22.51 26.78
N TYR A 159 28.71 -22.10 26.22
CA TYR A 159 27.96 -23.00 25.36
C TYR A 159 28.77 -23.09 24.08
N ARG A 160 29.07 -24.32 23.63
CA ARG A 160 29.89 -24.50 22.45
C ARG A 160 29.10 -24.15 21.20
N THR A 161 27.76 -24.30 21.24
CA THR A 161 26.92 -24.07 20.08
C THR A 161 25.55 -23.54 20.53
N VAL A 162 24.77 -23.07 19.56
CA VAL A 162 23.39 -22.69 19.75
C VAL A 162 22.61 -23.85 20.36
N ALA A 163 22.72 -25.06 19.77
CA ALA A 163 21.99 -26.21 20.28
C ALA A 163 22.31 -26.46 21.76
N GLU A 164 23.57 -26.31 22.16
CA GLU A 164 23.95 -26.58 23.54
C GLU A 164 23.27 -25.57 24.48
N MET A 165 23.25 -24.28 24.08
CA MET A 165 22.43 -23.29 24.77
C MET A 165 20.96 -23.70 24.84
N MET A 166 20.37 -24.09 23.71
CA MET A 166 18.94 -24.36 23.64
C MET A 166 18.57 -25.59 24.46
N VAL A 167 19.46 -26.58 24.61
CA VAL A 167 19.17 -27.79 25.36
C VAL A 167 19.36 -27.52 26.87
N LYS A 168 20.45 -26.84 27.24
CA LYS A 168 20.89 -26.76 28.63
C LYS A 168 20.44 -25.49 29.34
N ASP A 169 20.06 -24.39 28.66
CA ASP A 169 19.79 -23.14 29.36
C ASP A 169 18.34 -23.05 29.88
N GLU A 170 18.18 -22.47 31.08
CA GLU A 170 16.90 -22.26 31.73
C GLU A 170 15.98 -21.40 30.87
N LYS A 171 16.53 -20.46 30.11
CA LYS A 171 15.73 -19.63 29.21
C LYS A 171 14.88 -20.48 28.25
N PHE A 172 15.33 -21.69 27.88
CA PHE A 172 14.61 -22.54 26.94
C PHE A 172 14.06 -23.81 27.58
N SER A 173 13.84 -23.81 28.90
CA SER A 173 13.43 -25.02 29.62
C SER A 173 12.02 -25.47 29.21
N ASP A 174 11.12 -24.53 28.87
CA ASP A 174 9.74 -24.83 28.52
C ASP A 174 9.54 -24.92 27.00
N HIS A 175 10.34 -24.19 26.21
CA HIS A 175 10.27 -24.27 24.76
C HIS A 175 11.57 -23.76 24.14
N LYS A 176 11.88 -24.27 22.94
CA LYS A 176 13.01 -23.82 22.12
C LYS A 176 12.52 -22.90 21.00
N ARG A 177 11.58 -23.41 20.22
CA ARG A 177 10.89 -22.63 19.21
C ARG A 177 10.16 -21.49 19.90
N ASN A 178 9.99 -20.38 19.17
CA ASN A 178 9.38 -19.19 19.75
C ASN A 178 7.86 -19.33 19.83
N LYS A 179 7.29 -18.79 20.93
CA LYS A 179 5.86 -18.89 21.21
C LYS A 179 5.26 -17.50 21.49
N ASN A 180 3.92 -17.45 21.28
CA ASN A 180 3.02 -16.32 21.46
C ASN A 180 3.66 -15.00 21.02
N GLY A 181 4.16 -15.01 19.77
CA GLY A 181 4.73 -13.88 19.06
C GLY A 181 5.90 -13.17 19.74
N ASN A 182 6.66 -13.85 20.62
CA ASN A 182 7.93 -13.35 21.15
C ASN A 182 9.06 -13.88 20.28
N TYR A 183 10.27 -13.39 20.55
CA TYR A 183 11.45 -13.66 19.72
C TYR A 183 12.61 -14.13 20.60
N HIS A 184 12.30 -14.93 21.65
CA HIS A 184 13.27 -15.34 22.66
C HIS A 184 14.43 -16.18 22.10
N GLY A 185 14.13 -17.03 21.08
CA GLY A 185 15.07 -17.98 20.52
C GLY A 185 15.79 -17.53 19.25
N VAL A 186 15.56 -16.29 18.78
CA VAL A 186 16.26 -15.78 17.61
C VAL A 186 17.73 -15.61 17.99
N VAL A 187 18.60 -16.20 17.15
CA VAL A 187 20.03 -16.10 17.31
C VAL A 187 20.60 -15.51 16.02
N SER A 188 21.86 -15.10 16.12
CA SER A 188 22.59 -14.52 15.00
C SER A 188 22.90 -15.62 13.97
N ARG A 189 22.85 -15.28 12.70
CA ARG A 189 23.36 -16.12 11.61
C ARG A 189 24.78 -16.59 11.88
N SER A 190 25.63 -15.69 12.39
CA SER A 190 27.02 -16.03 12.63
C SER A 190 27.16 -17.15 13.66
N SER A 191 26.37 -17.15 14.75
CA SER A 191 26.42 -18.21 15.75
C SER A 191 26.02 -19.57 15.19
N LEU A 192 25.03 -19.60 14.30
CA LEU A 192 24.67 -20.85 13.64
C LEU A 192 25.79 -21.32 12.69
N LEU A 193 26.49 -20.41 12.01
CA LEU A 193 27.64 -20.79 11.20
C LEU A 193 28.76 -21.38 12.06
N VAL A 194 29.02 -20.76 13.22
CA VAL A 194 29.91 -21.35 14.21
C VAL A 194 29.46 -22.78 14.52
N GLU A 195 28.15 -23.01 14.68
CA GLU A 195 27.69 -24.35 15.03
C GLU A 195 28.02 -25.31 13.91
N ILE A 196 27.70 -24.94 12.67
CA ILE A 196 27.90 -25.83 11.53
C ILE A 196 29.37 -26.24 11.43
N HIS A 197 30.25 -25.25 11.52
CA HIS A 197 31.68 -25.49 11.45
C HIS A 197 32.16 -26.37 12.60
N THR A 198 31.65 -26.11 13.82
CA THR A 198 32.05 -26.88 14.99
C THR A 198 31.66 -28.35 14.81
N LEU A 199 30.45 -28.61 14.32
CA LEU A 199 29.95 -29.97 14.22
C LEU A 199 30.68 -30.74 13.13
N PHE A 200 30.96 -30.09 12.00
CA PHE A 200 31.83 -30.71 11.01
C PHE A 200 33.19 -31.05 11.62
N GLU A 201 33.71 -30.19 12.53
CA GLU A 201 35.01 -30.39 13.15
C GLU A 201 34.93 -31.56 14.13
N THR A 202 33.96 -31.51 15.05
CA THR A 202 33.84 -32.54 16.06
C THR A 202 33.49 -33.86 15.36
N GLN A 203 32.67 -33.87 14.31
CA GLN A 203 32.41 -35.11 13.60
C GLN A 203 33.67 -35.71 12.96
N ARG A 204 34.57 -34.86 12.44
CA ARG A 204 35.84 -35.33 11.88
C ARG A 204 36.71 -35.96 12.97
N GLN A 205 36.84 -35.32 14.15
CA GLN A 205 37.58 -35.89 15.27
C GLN A 205 37.04 -37.27 15.68
N HIS A 206 35.71 -37.50 15.56
CA HIS A 206 35.08 -38.76 15.91
C HIS A 206 34.85 -39.64 14.67
N HIS A 207 35.64 -39.47 13.60
CA HIS A 207 35.78 -40.46 12.54
C HIS A 207 34.50 -40.60 11.72
N ASN A 208 33.79 -39.49 11.51
CA ASN A 208 32.65 -39.47 10.63
C ASN A 208 33.19 -39.29 9.20
N SER A 209 32.90 -40.27 8.33
CA SER A 209 33.37 -40.25 6.95
C SER A 209 32.65 -39.22 6.10
N LEU A 210 31.47 -38.77 6.55
CA LEU A 210 30.62 -37.89 5.77
C LEU A 210 30.71 -36.44 6.27
N ALA A 211 31.85 -36.07 6.89
CA ALA A 211 32.08 -34.76 7.46
C ALA A 211 33.34 -34.12 6.87
N SER A 212 33.67 -34.48 5.62
CA SER A 212 34.86 -33.98 4.96
C SER A 212 34.77 -32.47 4.79
N LYS A 213 35.94 -31.85 4.62
CA LYS A 213 36.03 -30.42 4.39
C LYS A 213 35.38 -30.05 3.06
N ASP A 214 35.40 -30.93 2.06
CA ASP A 214 34.66 -30.65 0.82
C ASP A 214 33.15 -30.56 1.08
N PHE A 215 32.62 -31.54 1.82
CA PHE A 215 31.21 -31.59 2.17
C PHE A 215 30.84 -30.35 3.00
N GLU A 216 31.67 -30.01 4.00
CA GLU A 216 31.49 -28.80 4.78
C GLU A 216 31.33 -27.57 3.88
N LEU A 217 32.22 -27.41 2.89
CA LEU A 217 32.21 -26.21 2.07
C LEU A 217 30.96 -26.13 1.19
N GLU A 218 30.55 -27.26 0.60
CA GLU A 218 29.34 -27.25 -0.21
C GLU A 218 28.11 -26.98 0.68
N TYR A 219 28.06 -27.57 1.88
CA TYR A 219 26.94 -27.35 2.82
C TYR A 219 26.83 -25.86 3.18
N VAL A 220 27.93 -25.22 3.55
CA VAL A 220 27.89 -23.81 3.94
C VAL A 220 27.51 -22.92 2.75
N ASN A 221 28.10 -23.16 1.57
CA ASN A 221 27.75 -22.41 0.36
CA ASN A 221 27.74 -22.42 0.37
C ASN A 221 26.24 -22.48 0.10
N ILE A 222 25.62 -23.66 0.24
CA ILE A 222 24.19 -23.81 0.01
C ILE A 222 23.39 -23.10 1.13
N TRP A 223 23.75 -23.38 2.38
CA TRP A 223 23.09 -22.85 3.55
C TRP A 223 23.11 -21.33 3.59
N SER A 224 24.22 -20.72 3.14
CA SER A 224 24.42 -19.28 3.25
C SER A 224 23.75 -18.48 2.13
N ALA A 225 23.41 -19.11 1.01
CA ALA A 225 23.05 -18.38 -0.20
C ALA A 225 21.79 -17.57 0.05
N GLN A 226 21.84 -16.31 -0.37
CA GLN A 226 20.66 -15.46 -0.32
C GLN A 226 20.81 -14.32 -1.32
N ARG A 227 19.66 -13.82 -1.78
CA ARG A 227 19.66 -12.74 -2.73
C ARG A 227 19.95 -11.40 -2.01
N PRO A 228 20.56 -10.44 -2.75
CA PRO A 228 20.79 -9.10 -2.19
C PRO A 228 19.50 -8.28 -2.18
N VAL A 229 19.46 -7.19 -1.39
CA VAL A 229 18.30 -6.30 -1.32
C VAL A 229 17.95 -5.71 -2.68
N ALA A 230 18.97 -5.49 -3.52
CA ALA A 230 18.81 -5.00 -4.88
C ALA A 230 19.91 -5.58 -5.76
N THR A 231 19.56 -5.81 -7.01
CA THR A 231 20.44 -6.45 -7.97
C THR A 231 20.41 -5.63 -9.26
N LYS A 232 21.60 -5.44 -9.86
CA LYS A 232 21.79 -4.89 -11.19
C LYS A 232 21.12 -3.51 -11.27
N ASP A 233 20.18 -3.35 -12.22
CA ASP A 233 19.60 -2.06 -12.57
C ASP A 233 18.34 -1.77 -11.73
N GLN A 234 18.10 -2.50 -10.64
CA GLN A 234 16.81 -2.37 -9.98
C GLN A 234 16.63 -0.98 -9.37
N ILE A 235 17.67 -0.44 -8.74
CA ILE A 235 17.56 0.89 -8.17
C ILE A 235 17.52 1.92 -9.29
N GLU A 236 18.35 1.74 -10.34
CA GLU A 236 18.42 2.70 -11.44
C GLU A 236 17.03 2.84 -12.07
N LYS A 237 16.29 1.73 -12.20
CA LYS A 237 14.95 1.79 -12.78
C LYS A 237 13.95 2.58 -11.92
N MET A 238 14.12 2.62 -10.59
CA MET A 238 13.21 3.39 -9.73
C MET A 238 13.55 4.88 -9.68
N ILE A 239 14.84 5.24 -9.85
CA ILE A 239 15.28 6.63 -9.85
C ILE A 239 14.58 7.42 -10.97
N GLY A 240 14.11 8.63 -10.65
CA GLY A 240 13.47 9.49 -11.63
C GLY A 240 14.48 10.12 -12.60
N THR A 241 13.98 11.03 -13.43
CA THR A 241 14.76 11.62 -14.51
C THR A 241 14.93 13.13 -14.26
N CYS A 242 15.94 13.71 -14.91
CA CYS A 242 16.25 15.13 -14.83
C CYS A 242 15.04 15.95 -15.29
N THR A 243 14.74 17.01 -14.54
CA THR A 243 13.78 18.04 -14.95
C THR A 243 14.12 18.69 -16.30
N PHE A 244 15.41 18.89 -16.62
CA PHE A 244 15.85 19.57 -17.83
C PHE A 244 16.17 18.58 -18.96
N LEU A 245 16.81 17.44 -18.66
CA LEU A 245 17.21 16.46 -19.65
C LEU A 245 16.49 15.14 -19.40
N PRO A 246 15.21 14.96 -19.79
CA PRO A 246 14.44 13.80 -19.34
C PRO A 246 14.86 12.39 -19.75
N LYS A 247 15.89 12.21 -20.57
CA LYS A 247 16.47 10.90 -20.77
C LYS A 247 17.67 10.68 -19.85
N GLU A 248 18.05 11.65 -19.01
CA GLU A 248 19.07 11.43 -18.00
C GLU A 248 18.44 11.04 -16.66
N LYS A 249 19.11 10.16 -15.92
CA LYS A 249 18.75 9.93 -14.53
C LYS A 249 19.23 11.06 -13.62
N ARG A 250 18.54 11.19 -12.48
CA ARG A 250 18.87 12.18 -11.47
C ARG A 250 20.21 11.84 -10.85
N ALA A 251 20.99 12.85 -10.50
CA ALA A 251 22.30 12.66 -9.91
C ALA A 251 22.18 12.27 -8.42
N PRO A 252 23.04 11.35 -7.92
CA PRO A 252 23.19 11.11 -6.49
C PRO A 252 23.50 12.37 -5.69
N LYS A 253 22.87 12.48 -4.51
CA LYS A 253 23.17 13.57 -3.60
C LYS A 253 24.59 13.45 -3.06
N ALA A 254 25.15 12.23 -2.99
CA ALA A 254 26.52 12.04 -2.56
C ALA A 254 27.57 12.48 -3.60
N SER A 255 27.17 12.80 -4.85
CA SER A 255 28.13 13.21 -5.85
C SER A 255 28.73 14.57 -5.46
N TRP A 256 29.98 14.80 -5.84
CA TRP A 256 30.54 16.14 -5.78
C TRP A 256 29.67 17.17 -6.52
N HIS A 257 29.20 16.86 -7.74
CA HIS A 257 28.47 17.83 -8.53
C HIS A 257 27.21 18.29 -7.78
N PHE A 258 26.46 17.35 -7.19
CA PHE A 258 25.27 17.72 -6.42
C PHE A 258 25.66 18.61 -5.24
N GLN A 259 26.67 18.21 -4.48
CA GLN A 259 26.96 18.87 -3.21
C GLN A 259 27.51 20.28 -3.48
N TYR A 260 28.30 20.44 -4.54
CA TYR A 260 28.88 21.74 -4.90
C TYR A 260 27.78 22.64 -5.45
N PHE A 261 26.93 22.11 -6.34
CA PHE A 261 25.76 22.85 -6.78
C PHE A 261 24.93 23.37 -5.61
N MET A 262 24.63 22.49 -4.65
CA MET A 262 23.76 22.81 -3.53
C MET A 262 24.43 23.92 -2.68
N LEU A 263 25.73 23.76 -2.43
CA LEU A 263 26.53 24.75 -1.73
C LEU A 263 26.49 26.13 -2.39
N LEU A 264 26.73 26.17 -3.69
CA LEU A 264 26.81 27.45 -4.40
C LEU A 264 25.44 28.12 -4.46
N GLN A 265 24.39 27.36 -4.73
CA GLN A 265 23.02 27.86 -4.71
C GLN A 265 22.76 28.51 -3.33
N THR A 266 23.12 27.83 -2.25
CA THR A 266 22.84 28.30 -0.90
C THR A 266 23.55 29.62 -0.61
N ILE A 267 24.87 29.68 -0.88
CA ILE A 267 25.65 30.86 -0.55
C ILE A 267 25.22 32.05 -1.42
N ASN A 268 25.04 31.82 -2.73
CA ASN A 268 24.59 32.84 -3.66
C ASN A 268 23.24 33.43 -3.30
N HIS A 269 22.38 32.66 -2.63
CA HIS A 269 21.06 33.11 -2.21
C HIS A 269 21.03 33.75 -0.82
N ILE A 270 22.16 33.82 -0.09
CA ILE A 270 22.14 34.52 1.19
C ILE A 270 21.83 36.00 0.95
N ARG A 271 21.02 36.58 1.84
CA ARG A 271 20.68 38.00 1.84
C ARG A 271 20.81 38.56 3.26
N ILE A 272 21.36 39.77 3.35
CA ILE A 272 21.53 40.44 4.62
C ILE A 272 20.89 41.83 4.55
N THR A 273 20.35 42.27 5.69
CA THR A 273 19.54 43.48 5.74
C THR A 273 19.97 44.33 6.92
N ASN A 274 20.03 45.65 6.67
CA ASN A 274 20.18 46.66 7.70
C ASN A 274 19.00 47.62 7.54
N VAL A 275 18.96 48.67 8.38
CA VAL A 275 17.96 49.73 8.28
C VAL A 275 17.87 50.31 6.86
N GLN A 276 18.98 50.43 6.13
CA GLN A 276 19.01 50.98 4.78
C GLN A 276 18.32 50.06 3.77
N GLY A 277 18.68 48.78 3.75
CA GLY A 277 18.08 47.86 2.77
C GLY A 277 18.61 46.43 2.88
N THR A 278 18.43 45.66 1.79
CA THR A 278 18.88 44.28 1.67
C THR A 278 19.96 44.18 0.59
N ARG A 279 21.03 43.39 0.82
CA ARG A 279 22.00 43.08 -0.21
C ARG A 279 22.45 41.62 -0.11
N SER A 280 22.96 41.11 -1.24
CA SER A 280 23.65 39.82 -1.30
C SER A 280 25.09 39.97 -0.82
N LEU A 281 25.77 38.83 -0.73
CA LEU A 281 27.20 38.79 -0.47
C LEU A 281 27.95 39.05 -1.79
N ASN A 282 29.09 39.76 -1.69
CA ASN A 282 29.97 40.00 -2.84
C ASN A 282 30.74 38.72 -3.16
N LYS A 283 31.40 38.70 -4.35
CA LYS A 283 32.19 37.55 -4.79
C LYS A 283 33.27 37.18 -3.75
N GLU A 284 33.84 38.17 -3.04
CA GLU A 284 34.90 37.92 -2.07
C GLU A 284 34.35 37.21 -0.83
N GLU A 285 33.20 37.68 -0.32
CA GLU A 285 32.53 37.05 0.81
C GLU A 285 32.10 35.61 0.48
N ILE A 286 31.56 35.38 -0.74
CA ILE A 286 31.09 34.07 -1.17
C ILE A 286 32.24 33.06 -1.12
N GLU A 287 33.37 33.45 -1.74
CA GLU A 287 34.54 32.60 -1.78
C GLU A 287 34.93 32.19 -0.36
N GLN A 288 34.85 33.11 0.62
CA GLN A 288 35.24 32.81 1.99
C GLN A 288 34.27 31.80 2.61
N VAL A 289 32.96 31.99 2.39
CA VAL A 289 31.96 31.09 2.93
C VAL A 289 32.09 29.72 2.26
N VAL A 290 32.36 29.70 0.94
CA VAL A 290 32.46 28.46 0.19
C VAL A 290 33.67 27.66 0.70
N ASN A 291 34.83 28.30 0.88
CA ASN A 291 36.02 27.59 1.33
C ASN A 291 35.85 27.06 2.75
N MET A 292 35.18 27.84 3.63
CA MET A 292 34.91 27.40 5.00
C MET A 292 34.04 26.14 4.98
N ALA A 293 33.00 26.12 4.14
CA ALA A 293 32.10 24.96 4.04
C ALA A 293 32.85 23.69 3.63
N LEU A 294 33.86 23.84 2.76
CA LEU A 294 34.61 22.70 2.24
C LEU A 294 35.61 22.13 3.24
N THR A 295 35.95 22.88 4.32
CA THR A 295 36.93 22.43 5.34
C THR A 295 36.28 22.12 6.69
N LYS A 296 35.20 22.82 7.05
CA LYS A 296 34.51 22.67 8.33
C LYS A 296 33.39 21.64 8.17
N SER A 297 33.13 20.84 9.22
CA SER A 297 32.15 19.76 9.20
C SER A 297 30.73 20.29 8.99
N LYS A 298 30.35 21.30 9.79
CA LYS A 298 29.09 22.00 9.66
C LYS A 298 29.34 23.51 9.74
N VAL A 299 28.49 24.26 9.04
CA VAL A 299 28.52 25.71 9.02
C VAL A 299 27.15 26.19 9.48
N SER A 300 27.16 27.11 10.45
CA SER A 300 25.98 27.85 10.87
C SER A 300 26.05 29.26 10.29
N TYR A 301 24.93 29.98 10.40
CA TYR A 301 24.87 31.42 10.15
C TYR A 301 25.84 32.18 11.07
N HIS A 302 26.09 31.66 12.30
CA HIS A 302 27.07 32.25 13.21
C HIS A 302 28.48 32.16 12.64
N ASP A 303 28.86 30.99 12.09
CA ASP A 303 30.16 30.80 11.46
C ASP A 303 30.29 31.67 10.20
N THR A 304 29.17 31.92 9.51
CA THR A 304 29.14 32.80 8.35
C THR A 304 29.40 34.26 8.75
N ARG A 305 28.75 34.72 9.82
CA ARG A 305 29.05 36.03 10.41
C ARG A 305 30.52 36.11 10.82
N LYS A 306 31.04 35.06 11.47
CA LYS A 306 32.38 35.12 12.03
C LYS A 306 33.42 35.16 10.91
N ILE A 307 33.31 34.29 9.89
CA ILE A 307 34.32 34.25 8.83
C ILE A 307 34.37 35.58 8.06
N LEU A 308 33.23 36.28 7.94
CA LEU A 308 33.13 37.53 7.20
C LEU A 308 33.25 38.76 8.11
N ASP A 309 33.40 38.57 9.44
CA ASP A 309 33.42 39.66 10.41
C ASP A 309 32.26 40.63 10.14
N LEU A 310 31.05 40.08 9.96
CA LEU A 310 29.90 40.86 9.49
C LEU A 310 29.36 41.68 10.65
N SER A 311 29.02 42.95 10.36
CA SER A 311 28.64 43.88 11.40
C SER A 311 27.30 43.46 12.01
N GLU A 312 27.09 43.80 13.28
CA GLU A 312 25.88 43.48 14.02
C GLU A 312 24.69 44.35 13.57
N GLU A 313 24.89 45.32 12.65
CA GLU A 313 23.76 46.00 12.03
C GLU A 313 23.07 45.11 10.98
N TYR A 314 23.75 44.04 10.51
CA TYR A 314 23.19 43.11 9.55
C TYR A 314 22.52 41.92 10.23
N GLN A 315 21.33 41.54 9.72
CA GLN A 315 20.64 40.29 10.01
C GLN A 315 20.54 39.47 8.72
N PHE A 316 20.60 38.15 8.84
CA PHE A 316 20.36 37.25 7.70
C PHE A 316 18.87 37.18 7.46
N VAL A 317 18.45 37.27 6.18
CA VAL A 317 17.05 37.09 5.81
C VAL A 317 16.66 35.63 6.04
N GLY A 318 15.48 35.41 6.62
CA GLY A 318 14.95 34.07 6.82
C GLY A 318 15.10 33.56 8.26
N LEU A 319 16.00 34.14 9.06
CA LEU A 319 16.08 33.80 10.48
C LEU A 319 15.05 34.58 11.26
N ASP A 320 14.62 33.98 12.37
CA ASP A 320 13.69 34.58 13.30
C ASP A 320 14.48 35.11 14.50
N TYR A 321 14.67 36.43 14.58
CA TYR A 321 15.53 37.02 15.60
C TYR A 321 14.76 37.42 16.87
N GLY A 322 13.42 37.30 16.86
CA GLY A 322 12.59 37.68 18.00
C GLY A 322 12.75 39.14 18.45
N LYS A 323 12.32 39.42 19.69
CA LYS A 323 12.39 40.75 20.29
C LYS A 323 13.84 41.07 20.65
N GLU A 324 14.49 40.17 21.40
CA GLU A 324 15.73 40.52 22.09
C GLU A 324 16.93 40.61 21.16
N ASP A 325 16.85 40.01 19.97
CA ASP A 325 17.95 40.03 19.02
C ASP A 325 19.19 39.40 19.68
N GLU A 326 18.98 38.29 20.41
CA GLU A 326 20.05 37.46 20.94
C GLU A 326 20.64 36.71 19.75
N LYS A 327 21.53 37.40 19.02
CA LYS A 327 21.96 37.02 17.67
C LYS A 327 22.75 35.72 17.67
N LYS A 328 23.65 35.53 18.65
CA LYS A 328 24.49 34.33 18.68
C LYS A 328 23.62 33.08 18.81
N LYS A 329 22.55 33.14 19.62
CA LYS A 329 21.70 31.98 19.87
C LYS A 329 20.90 31.58 18.61
N VAL A 330 20.31 32.57 17.93
CA VAL A 330 19.49 32.32 16.76
C VAL A 330 20.35 31.76 15.63
N GLU A 331 21.55 32.35 15.44
CA GLU A 331 22.39 32.09 14.28
C GLU A 331 23.19 30.79 14.48
N SER A 332 23.59 30.49 15.73
CA SER A 332 24.29 29.26 16.08
C SER A 332 23.40 28.03 15.95
N LYS A 333 22.11 28.19 16.27
CA LYS A 333 21.11 27.13 16.16
C LYS A 333 20.98 26.63 14.71
N GLU A 334 21.12 27.52 13.72
CA GLU A 334 20.77 27.25 12.33
C GLU A 334 22.00 26.83 11.51
N THR A 335 22.10 25.52 11.23
CA THR A 335 23.06 24.94 10.31
C THR A 335 22.69 25.27 8.86
N ILE A 336 23.57 26.00 8.16
CA ILE A 336 23.38 26.37 6.75
C ILE A 336 23.90 25.26 5.82
N ILE A 337 25.05 24.64 6.13
CA ILE A 337 25.68 23.68 5.23
C ILE A 337 26.36 22.61 6.07
N LYS A 338 26.19 21.36 5.66
CA LYS A 338 26.91 20.23 6.26
C LYS A 338 27.18 19.21 5.15
N LEU A 339 28.38 19.27 4.57
CA LEU A 339 28.79 18.43 3.45
C LEU A 339 29.29 17.10 3.97
N ASP A 340 28.35 16.33 4.53
CA ASP A 340 28.64 15.07 5.20
C ASP A 340 29.20 14.05 4.23
N ASP A 341 28.48 13.79 3.13
CA ASP A 341 28.90 12.80 2.14
C ASP A 341 30.30 13.15 1.61
N TYR A 342 30.53 14.41 1.25
CA TYR A 342 31.84 14.86 0.79
C TYR A 342 32.92 14.56 1.83
N HIS A 343 32.73 14.98 3.08
CA HIS A 343 33.76 14.82 4.10
C HIS A 343 34.00 13.34 4.42
N LYS A 344 32.93 12.54 4.53
CA LYS A 344 33.09 11.11 4.76
C LYS A 344 33.92 10.46 3.66
N LEU A 345 33.61 10.76 2.39
CA LEU A 345 34.34 10.16 1.29
C LEU A 345 35.76 10.72 1.23
N ASN A 346 35.93 12.01 1.55
CA ASN A 346 37.22 12.68 1.48
C ASN A 346 38.19 12.06 2.49
N LYS A 347 37.67 11.63 3.66
CA LYS A 347 38.48 10.95 4.66
C LYS A 347 38.98 9.59 4.16
N ILE A 348 38.11 8.79 3.52
CA ILE A 348 38.49 7.48 3.00
C ILE A 348 39.50 7.63 1.88
N PHE A 349 39.30 8.62 1.00
CA PHE A 349 40.25 8.94 -0.07
C PHE A 349 41.65 9.23 0.50
N ASN A 350 41.74 9.91 1.65
CA ASN A 350 43.01 10.23 2.29
C ASN A 350 43.66 9.03 3.02
N GLU A 351 42.94 7.92 3.24
CA GLU A 351 43.55 6.66 3.68
C GLU A 351 44.26 5.93 2.53
N VAL A 352 44.02 6.35 1.27
CA VAL A 352 44.50 5.62 0.11
C VAL A 352 45.62 6.44 -0.53
N GLU A 353 46.84 5.89 -0.48
CA GLU A 353 48.02 6.54 -1.03
C GLU A 353 47.85 6.64 -2.55
N LEU A 354 48.23 7.81 -3.08
CA LEU A 354 48.25 8.10 -4.51
C LEU A 354 49.70 8.29 -4.94
N ALA A 355 49.96 8.18 -6.25
CA ALA A 355 51.27 8.49 -6.81
C ALA A 355 51.52 10.00 -6.77
N LYS A 356 52.76 10.40 -7.08
CA LYS A 356 53.22 11.76 -6.85
C LYS A 356 52.42 12.77 -7.68
N GLY A 357 52.03 12.37 -8.92
CA GLY A 357 51.34 13.24 -9.85
C GLY A 357 49.89 13.59 -9.50
N GLU A 358 49.04 12.57 -9.26
CA GLU A 358 47.59 12.69 -9.39
C GLU A 358 46.93 12.93 -8.04
N THR A 359 45.69 13.42 -8.11
CA THR A 359 44.88 13.88 -7.00
C THR A 359 43.46 13.32 -7.16
N TRP A 360 42.65 13.41 -6.10
CA TRP A 360 41.27 12.97 -6.13
C TRP A 360 40.44 14.04 -6.82
N GLU A 361 39.76 13.68 -7.93
CA GLU A 361 39.04 14.61 -8.79
C GLU A 361 37.52 14.45 -8.61
N ALA A 362 36.78 15.43 -9.16
CA ALA A 362 35.32 15.42 -9.12
C ALA A 362 34.76 14.09 -9.66
N ASP A 363 35.35 13.53 -10.72
CA ASP A 363 34.87 12.27 -11.29
C ASP A 363 35.05 11.07 -10.36
N ASP A 364 36.05 11.10 -9.46
CA ASP A 364 36.20 10.05 -8.46
C ASP A 364 35.07 10.11 -7.41
N TYR A 365 34.75 11.31 -6.91
CA TYR A 365 33.66 11.51 -5.97
C TYR A 365 32.33 11.11 -6.61
N ASP A 366 32.11 11.51 -7.87
CA ASP A 366 30.89 11.13 -8.57
C ASP A 366 30.82 9.63 -8.79
N THR A 367 31.96 9.00 -9.12
CA THR A 367 31.95 7.58 -9.43
C THR A 367 31.52 6.75 -8.22
N VAL A 368 32.11 7.06 -7.05
CA VAL A 368 31.81 6.36 -5.80
C VAL A 368 30.37 6.62 -5.38
N ALA A 369 29.91 7.86 -5.55
CA ALA A 369 28.55 8.24 -5.24
C ALA A 369 27.60 7.38 -6.04
N TYR A 370 27.84 7.31 -7.36
CA TYR A 370 27.02 6.48 -8.24
C TYR A 370 27.04 5.02 -7.79
N ALA A 371 28.24 4.48 -7.50
CA ALA A 371 28.37 3.09 -7.18
C ALA A 371 27.49 2.71 -5.98
N LEU A 372 27.53 3.53 -4.92
CA LEU A 372 26.89 3.22 -3.66
C LEU A 372 25.42 3.63 -3.64
N THR A 373 24.98 4.52 -4.56
CA THR A 373 23.60 4.98 -4.67
C THR A 373 22.79 4.05 -5.56
N PHE A 374 23.39 3.65 -6.69
CA PHE A 374 22.68 2.87 -7.70
C PHE A 374 22.80 1.36 -7.46
N PHE A 375 23.72 0.93 -6.58
CA PHE A 375 23.91 -0.48 -6.28
C PHE A 375 24.05 -0.69 -4.78
N LYS A 376 23.55 -1.85 -4.29
CA LYS A 376 23.64 -2.17 -2.88
C LYS A 376 24.42 -3.46 -2.58
N ASP A 377 24.58 -4.40 -3.52
CA ASP A 377 25.39 -5.56 -3.21
C ASP A 377 26.84 -5.36 -3.68
N ASP A 378 27.72 -6.17 -3.06
CA ASP A 378 29.15 -6.05 -3.19
C ASP A 378 29.59 -6.44 -4.60
N GLU A 379 28.93 -7.42 -5.22
CA GLU A 379 29.26 -7.80 -6.59
C GLU A 379 29.05 -6.66 -7.59
N ASP A 380 27.90 -5.97 -7.56
CA ASP A 380 27.62 -4.84 -8.45
C ASP A 380 28.58 -3.67 -8.16
N ILE A 381 28.78 -3.33 -6.87
CA ILE A 381 29.70 -2.26 -6.49
C ILE A 381 31.11 -2.55 -7.03
N ARG A 382 31.58 -3.78 -6.84
CA ARG A 382 32.92 -4.20 -7.26
C ARG A 382 33.05 -4.13 -8.78
N ASP A 383 32.07 -4.68 -9.51
CA ASP A 383 32.17 -4.66 -10.97
C ASP A 383 32.18 -3.23 -11.52
N TYR A 384 31.32 -2.38 -10.96
CA TYR A 384 31.19 -1.01 -11.42
C TYR A 384 32.48 -0.24 -11.13
N LEU A 385 33.05 -0.43 -9.94
CA LEU A 385 34.24 0.30 -9.58
C LEU A 385 35.50 -0.29 -10.23
N GLN A 386 35.40 -1.49 -10.81
CA GLN A 386 36.47 -2.08 -11.60
C GLN A 386 36.24 -1.80 -13.08
N ASN A 387 35.18 -1.08 -13.42
CA ASN A 387 34.99 -0.50 -14.74
C ASN A 387 34.58 -1.59 -15.72
N LYS A 388 33.94 -2.68 -15.21
CA LYS A 388 33.45 -3.78 -16.04
C LYS A 388 32.00 -4.17 -15.75
N TYR A 389 31.19 -3.28 -15.14
CA TYR A 389 29.79 -3.60 -14.87
C TYR A 389 29.04 -3.77 -16.20
N LYS A 390 28.33 -4.89 -16.30
CA LYS A 390 27.39 -5.18 -17.37
C LYS A 390 25.99 -5.00 -16.82
N ASP A 391 25.17 -4.22 -17.52
CA ASP A 391 23.79 -4.00 -17.13
C ASP A 391 22.97 -5.26 -17.44
N SER A 392 21.65 -5.17 -17.22
CA SER A 392 20.78 -6.33 -17.32
C SER A 392 20.52 -6.74 -18.77
N LYS A 393 20.96 -5.94 -19.78
CA LYS A 393 21.00 -6.37 -21.17
C LYS A 393 22.43 -6.69 -21.63
N ASN A 394 23.34 -7.03 -20.70
CA ASN A 394 24.70 -7.49 -20.97
C ASN A 394 25.57 -6.40 -21.64
N ARG A 395 25.20 -5.12 -21.51
CA ARG A 395 25.93 -4.02 -22.10
C ARG A 395 26.89 -3.43 -21.08
N LEU A 396 28.15 -3.21 -21.46
CA LEU A 396 29.14 -2.63 -20.57
C LEU A 396 28.75 -1.20 -20.22
N VAL A 397 28.91 -0.84 -18.92
CA VAL A 397 28.66 0.51 -18.43
C VAL A 397 29.90 0.93 -17.65
N LYS A 398 30.78 1.69 -18.30
CA LYS A 398 32.00 2.16 -17.66
C LYS A 398 31.61 3.14 -16.57
N ASN A 399 32.39 3.21 -15.50
CA ASN A 399 32.16 4.21 -14.47
C ASN A 399 32.52 5.61 -15.00
N LEU A 400 32.13 6.64 -14.23
CA LEU A 400 32.27 8.02 -14.67
C LEU A 400 33.74 8.44 -14.77
N ALA A 401 34.64 7.87 -13.96
CA ALA A 401 36.07 8.09 -14.05
C ALA A 401 36.78 7.27 -15.13
N ASN A 402 36.09 6.31 -15.77
CA ASN A 402 36.69 5.35 -16.68
C ASN A 402 37.89 4.68 -16.03
N LYS A 403 37.77 4.31 -14.74
CA LYS A 403 38.92 3.91 -13.94
C LYS A 403 38.62 2.55 -13.28
N GLU A 404 39.57 1.62 -13.41
CA GLU A 404 39.60 0.43 -12.56
C GLU A 404 40.27 0.79 -11.25
N TYR A 405 39.47 1.00 -10.19
CA TYR A 405 40.01 1.31 -8.88
C TYR A 405 40.61 0.06 -8.25
N THR A 406 41.44 0.29 -7.21
CA THR A 406 42.15 -0.76 -6.51
C THR A 406 41.18 -1.49 -5.57
N ASN A 407 41.53 -2.73 -5.21
CA ASN A 407 40.69 -3.49 -4.28
C ASN A 407 40.67 -2.82 -2.91
N GLU A 408 41.81 -2.25 -2.48
CA GLU A 408 41.87 -1.47 -1.26
C GLU A 408 40.78 -0.40 -1.24
N LEU A 409 40.69 0.41 -2.31
CA LEU A 409 39.73 1.50 -2.30
C LEU A 409 38.30 0.95 -2.24
N ILE A 410 37.99 0.00 -3.14
CA ILE A 410 36.67 -0.58 -3.26
C ILE A 410 36.22 -1.12 -1.89
N GLY A 411 37.10 -1.88 -1.23
CA GLY A 411 36.87 -2.35 0.13
C GLY A 411 36.57 -1.20 1.09
N LYS A 412 37.39 -0.14 1.02
CA LYS A 412 37.23 1.00 1.92
C LYS A 412 35.95 1.79 1.68
N VAL A 413 35.61 2.10 0.42
CA VAL A 413 34.39 2.89 0.12
C VAL A 413 33.12 2.10 0.42
N SER A 414 33.16 0.76 0.32
CA SER A 414 32.01 -0.09 0.59
C SER A 414 31.58 -0.08 2.06
N THR A 415 32.37 0.53 2.96
CA THR A 415 31.95 0.81 4.33
C THR A 415 30.98 1.98 4.43
N LEU A 416 30.94 2.86 3.41
CA LEU A 416 30.02 3.98 3.42
C LEU A 416 28.65 3.49 2.91
N SER A 417 27.63 4.26 3.28
CA SER A 417 26.30 4.12 2.70
C SER A 417 25.84 5.48 2.21
N PHE A 418 25.43 5.53 0.94
CA PHE A 418 24.87 6.72 0.35
C PHE A 418 23.50 6.38 -0.19
N ARG A 419 22.64 7.40 -0.24
CA ARG A 419 21.35 7.26 -0.87
C ARG A 419 20.82 8.63 -1.26
N LYS A 420 19.75 8.61 -2.06
CA LYS A 420 18.97 9.74 -2.51
C LYS A 420 19.64 10.44 -3.71
N VAL A 421 18.78 11.08 -4.52
CA VAL A 421 19.15 11.81 -5.70
C VAL A 421 18.50 13.19 -5.61
N GLY A 422 19.09 14.15 -6.34
CA GLY A 422 18.45 15.43 -6.60
C GLY A 422 17.45 15.36 -7.74
N HIS A 423 16.97 16.52 -8.19
CA HIS A 423 16.04 16.61 -9.31
C HIS A 423 16.77 16.69 -10.64
N LEU A 424 18.06 17.06 -10.65
CA LEU A 424 18.78 17.30 -11.90
C LEU A 424 19.83 16.23 -12.14
N SER A 425 20.05 15.95 -13.45
CA SER A 425 21.13 15.09 -13.91
C SER A 425 22.49 15.73 -13.69
N LEU A 426 23.48 14.84 -13.58
CA LEU A 426 24.90 15.22 -13.59
C LEU A 426 25.25 16.13 -14.77
N LYS A 427 24.82 15.80 -16.00
CA LYS A 427 25.09 16.64 -17.16
C LYS A 427 24.53 18.04 -16.97
N ALA A 428 23.31 18.14 -16.43
CA ALA A 428 22.71 19.43 -16.18
C ALA A 428 23.55 20.18 -15.15
N LEU A 429 23.95 19.52 -14.06
CA LEU A 429 24.72 20.18 -13.01
C LEU A 429 26.08 20.68 -13.55
N ARG A 430 26.73 19.92 -14.46
CA ARG A 430 28.02 20.34 -14.99
C ARG A 430 27.90 21.68 -15.72
N LYS A 431 26.80 21.90 -16.44
CA LYS A 431 26.56 23.11 -17.22
C LYS A 431 26.16 24.29 -16.34
N ILE A 432 25.44 24.04 -15.24
CA ILE A 432 24.87 25.09 -14.43
C ILE A 432 25.92 25.65 -13.46
N ILE A 433 26.76 24.79 -12.87
CA ILE A 433 27.70 25.16 -11.82
C ILE A 433 28.61 26.35 -12.23
N PRO A 434 29.24 26.35 -13.43
CA PRO A 434 30.10 27.48 -13.84
C PRO A 434 29.44 28.85 -13.71
N PHE A 435 28.12 28.93 -13.99
CA PHE A 435 27.40 30.18 -13.84
C PHE A 435 27.05 30.49 -12.38
N LEU A 436 26.78 29.46 -11.56
CA LEU A 436 26.65 29.68 -10.12
C LEU A 436 27.99 30.15 -9.55
N GLU A 437 29.13 29.64 -10.05
CA GLU A 437 30.46 30.08 -9.62
C GLU A 437 30.69 31.58 -9.90
N GLN A 438 30.03 32.13 -10.93
CA GLN A 438 30.10 33.55 -11.26
C GLN A 438 29.13 34.38 -10.41
N GLY A 439 28.40 33.76 -9.48
CA GLY A 439 27.56 34.47 -8.51
C GLY A 439 26.10 34.66 -8.95
N MET A 440 25.66 33.98 -10.01
CA MET A 440 24.28 34.08 -10.46
C MET A 440 23.34 33.34 -9.50
N THR A 441 22.09 33.81 -9.47
CA THR A 441 21.01 33.06 -8.86
C THR A 441 20.77 31.78 -9.67
N TYR A 442 20.11 30.82 -9.01
CA TYR A 442 19.83 29.53 -9.60
C TYR A 442 19.13 29.76 -10.94
N ASP A 443 18.08 30.58 -10.94
CA ASP A 443 17.28 30.75 -12.15
C ASP A 443 18.13 31.29 -13.31
N LYS A 444 19.04 32.23 -13.03
CA LYS A 444 19.83 32.86 -14.09
C LYS A 444 20.98 31.95 -14.51
N ALA A 445 21.52 31.17 -13.57
CA ALA A 445 22.56 30.21 -13.94
C ALA A 445 21.98 29.17 -14.90
N CYS A 446 20.73 28.74 -14.65
CA CYS A 446 20.03 27.82 -15.54
C CYS A 446 19.87 28.43 -16.94
N GLN A 447 19.42 29.70 -17.00
CA GLN A 447 19.24 30.40 -18.27
C GLN A 447 20.57 30.47 -19.02
N ALA A 448 21.63 30.90 -18.33
CA ALA A 448 22.97 30.98 -18.93
C ALA A 448 23.44 29.64 -19.49
N ALA A 449 23.01 28.52 -18.89
CA ALA A 449 23.43 27.20 -19.33
C ALA A 449 22.65 26.71 -20.55
N GLY A 450 21.54 27.36 -20.93
CA GLY A 450 20.71 26.92 -22.04
C GLY A 450 19.41 26.20 -21.63
N PHE A 451 19.04 26.27 -20.32
CA PHE A 451 17.84 25.61 -19.83
C PHE A 451 16.80 26.64 -19.41
N ASP A 452 15.53 26.35 -19.73
CA ASP A 452 14.39 26.98 -19.10
C ASP A 452 14.25 26.37 -17.71
N PHE A 453 14.41 27.20 -16.68
CA PHE A 453 14.52 26.72 -15.32
C PHE A 453 13.18 26.13 -14.83
N GLN A 454 12.07 26.54 -15.45
CA GLN A 454 10.75 26.06 -15.08
C GLN A 454 10.37 24.79 -15.84
N GLY A 455 11.15 24.40 -16.87
CA GLY A 455 10.87 23.19 -17.63
C GLY A 455 9.44 23.15 -18.15
N ILE A 456 8.99 24.27 -18.73
CA ILE A 456 7.59 24.46 -19.10
C ILE A 456 7.28 23.55 -20.28
N SER A 457 6.08 22.95 -20.26
CA SER A 457 5.67 22.02 -21.29
C SER A 457 5.49 22.78 -22.60
N LYS A 458 6.16 22.30 -23.66
CA LYS A 458 6.05 22.87 -24.99
C LYS A 458 4.89 22.20 -25.76
N LYS A 459 4.15 21.25 -25.13
CA LYS A 459 3.24 20.34 -25.82
C LYS A 459 1.94 21.04 -26.19
N LYS A 460 1.29 20.57 -27.27
CA LYS A 460 0.09 21.17 -27.82
C LYS A 460 -1.11 20.73 -26.99
N ARG A 461 -2.03 21.67 -26.71
CA ARG A 461 -3.28 21.39 -26.02
C ARG A 461 -4.19 20.52 -26.89
N SER A 462 -5.16 19.87 -26.21
CA SER A 462 -5.99 18.83 -26.81
C SER A 462 -7.46 19.04 -26.43
N VAL A 463 -8.38 18.48 -27.23
CA VAL A 463 -9.81 18.71 -27.06
C VAL A 463 -10.34 17.90 -25.86
N VAL A 464 -9.96 16.62 -25.77
CA VAL A 464 -10.19 15.77 -24.61
C VAL A 464 -8.85 15.55 -23.92
N LEU A 465 -8.89 15.26 -22.61
CA LEU A 465 -7.68 15.08 -21.83
C LEU A 465 -7.00 13.83 -22.35
N PRO A 466 -5.66 13.82 -22.57
CA PRO A 466 -4.95 12.62 -23.00
C PRO A 466 -4.85 11.66 -21.81
N VAL A 467 -4.41 10.43 -22.06
CA VAL A 467 -4.23 9.46 -20.99
C VAL A 467 -3.26 10.02 -19.96
N ILE A 468 -3.45 9.56 -18.71
CA ILE A 468 -2.67 9.98 -17.55
C ILE A 468 -1.45 9.06 -17.43
N ASP A 469 -0.31 9.64 -17.02
CA ASP A 469 0.90 8.90 -16.70
C ASP A 469 0.55 7.91 -15.58
N GLN A 470 0.69 6.58 -15.79
CA GLN A 470 0.33 5.64 -14.74
C GLN A 470 1.32 5.84 -13.60
N ILE A 471 0.79 6.10 -12.38
CA ILE A 471 1.55 6.34 -11.19
C ILE A 471 1.31 5.19 -10.21
N SER A 472 2.28 4.97 -9.32
CA SER A 472 2.32 3.74 -8.53
C SER A 472 1.33 3.79 -7.37
N ASN A 473 0.85 4.98 -6.98
CA ASN A 473 -0.14 5.12 -5.93
C ASN A 473 -1.52 4.78 -6.49
N PRO A 474 -2.06 3.58 -6.19
CA PRO A 474 -3.28 3.08 -6.84
C PRO A 474 -4.54 3.89 -6.55
N VAL A 475 -4.60 4.54 -5.38
CA VAL A 475 -5.75 5.35 -5.01
C VAL A 475 -5.74 6.67 -5.79
N VAL A 476 -4.55 7.27 -5.91
CA VAL A 476 -4.42 8.53 -6.62
C VAL A 476 -4.68 8.27 -8.09
N ASN A 477 -4.13 7.18 -8.60
CA ASN A 477 -4.27 6.79 -9.99
C ASN A 477 -5.74 6.60 -10.36
N ARG A 478 -6.52 5.95 -9.47
CA ARG A 478 -7.93 5.69 -9.75
C ARG A 478 -8.73 7.00 -9.84
N ALA A 479 -8.55 7.86 -8.83
CA ALA A 479 -9.17 9.16 -8.75
C ALA A 479 -8.90 10.01 -9.99
N LEU A 480 -7.63 10.08 -10.43
CA LEU A 480 -7.29 10.91 -11.56
C LEU A 480 -7.89 10.34 -12.84
N THR A 481 -7.86 9.01 -12.99
CA THR A 481 -8.31 8.38 -14.22
C THR A 481 -9.84 8.40 -14.30
N GLN A 482 -10.55 8.28 -13.17
CA GLN A 482 -12.00 8.40 -13.13
C GLN A 482 -12.43 9.83 -13.40
N THR A 483 -11.72 10.80 -12.82
CA THR A 483 -12.01 12.21 -13.04
C THR A 483 -11.80 12.56 -14.51
N ARG A 484 -10.80 11.95 -15.16
CA ARG A 484 -10.56 12.15 -16.58
C ARG A 484 -11.74 11.64 -17.39
N LYS A 485 -12.23 10.44 -17.06
CA LYS A 485 -13.36 9.88 -17.78
C LYS A 485 -14.60 10.78 -17.66
N VAL A 486 -14.79 11.42 -16.50
CA VAL A 486 -15.92 12.30 -16.28
C VAL A 486 -15.76 13.54 -17.15
N ILE A 487 -14.59 14.18 -17.10
CA ILE A 487 -14.35 15.40 -17.86
C ILE A 487 -14.54 15.12 -19.35
N ASN A 488 -13.94 14.04 -19.86
CA ASN A 488 -13.98 13.71 -21.28
C ASN A 488 -15.40 13.34 -21.75
N ALA A 489 -16.20 12.68 -20.89
CA ALA A 489 -17.58 12.40 -21.25
C ALA A 489 -18.37 13.71 -21.43
N LEU A 490 -18.11 14.67 -20.53
CA LEU A 490 -18.78 15.94 -20.50
C LEU A 490 -18.35 16.83 -21.67
N ILE A 491 -17.07 16.83 -22.04
CA ILE A 491 -16.59 17.51 -23.24
C ILE A 491 -17.31 16.97 -24.46
N LYS A 492 -17.38 15.64 -24.62
CA LYS A 492 -17.97 15.02 -25.80
C LYS A 492 -19.48 15.28 -25.90
N LYS A 493 -20.16 15.62 -24.79
CA LYS A 493 -21.57 15.97 -24.82
C LYS A 493 -21.74 17.47 -25.06
N TYR A 494 -21.05 18.32 -24.28
CA TYR A 494 -21.30 19.75 -24.23
C TYR A 494 -20.23 20.57 -24.96
N GLY A 495 -19.23 19.92 -25.55
CA GLY A 495 -18.08 20.62 -26.11
C GLY A 495 -17.13 21.15 -25.03
N SER A 496 -16.22 22.04 -25.44
CA SER A 496 -15.14 22.54 -24.60
C SER A 496 -15.71 23.45 -23.51
N PRO A 497 -15.16 23.47 -22.27
CA PRO A 497 -15.63 24.36 -21.22
C PRO A 497 -14.89 25.70 -21.29
N GLU A 498 -15.54 26.75 -20.77
CA GLU A 498 -14.95 28.07 -20.66
C GLU A 498 -13.88 28.01 -19.59
N THR A 499 -14.26 27.55 -18.38
CA THR A 499 -13.31 27.28 -17.32
C THR A 499 -13.71 25.99 -16.59
N ILE A 500 -12.78 25.46 -15.78
CA ILE A 500 -13.05 24.37 -14.84
C ILE A 500 -12.73 24.87 -13.43
N HIS A 501 -13.73 24.86 -12.53
CA HIS A 501 -13.55 25.07 -11.11
C HIS A 501 -13.41 23.70 -10.41
N ILE A 502 -12.40 23.55 -9.56
CA ILE A 502 -12.04 22.29 -8.92
C ILE A 502 -11.95 22.54 -7.42
N GLU A 503 -12.55 21.63 -6.64
CA GLU A 503 -12.25 21.46 -5.24
C GLU A 503 -11.88 19.99 -4.97
N THR A 504 -10.97 19.84 -4.00
CA THR A 504 -10.43 18.55 -3.56
C THR A 504 -10.60 18.45 -2.04
N GLY A 505 -10.47 17.23 -1.49
CA GLY A 505 -10.86 16.91 -0.11
C GLY A 505 -9.72 16.68 0.90
N GLY A 506 -8.43 16.63 0.47
CA GLY A 506 -7.30 16.46 1.41
C GLY A 506 -6.86 14.99 1.59
N GLY A 507 -7.58 14.05 0.95
CA GLY A 507 -7.38 12.63 1.12
C GLY A 507 -6.09 12.05 0.50
N SER A 508 -5.33 12.79 -0.35
CA SER A 508 -4.10 12.29 -0.92
C SER A 508 -2.89 13.15 -0.52
N GLY A 509 -3.04 13.93 0.56
CA GLY A 509 -1.98 14.79 1.05
C GLY A 509 -1.55 15.86 0.04
N GLY A 510 -2.43 16.24 -0.92
CA GLY A 510 -2.13 17.28 -1.90
C GLY A 510 -1.75 16.77 -3.29
N TYR A 511 -1.58 15.45 -3.47
CA TYR A 511 -1.11 14.91 -4.74
C TYR A 511 -2.17 15.09 -5.84
N ILE A 512 -3.41 14.68 -5.57
CA ILE A 512 -4.50 14.88 -6.54
C ILE A 512 -4.63 16.35 -6.93
N THR A 513 -4.63 17.28 -5.96
CA THR A 513 -4.79 18.70 -6.25
C THR A 513 -3.70 19.21 -7.19
N LYS A 514 -2.44 18.94 -6.80
CA LYS A 514 -1.28 19.43 -7.53
C LYS A 514 -1.24 18.80 -8.92
N TYR A 515 -1.39 17.49 -8.99
CA TYR A 515 -1.32 16.82 -10.27
C TYR A 515 -2.45 17.33 -11.16
N LEU A 516 -3.69 17.29 -10.65
CA LEU A 516 -4.87 17.46 -11.50
C LEU A 516 -4.91 18.87 -12.08
N SER A 517 -4.64 19.88 -11.23
CA SER A 517 -4.61 21.27 -11.67
C SER A 517 -3.66 21.46 -12.84
N HIS A 518 -2.39 21.05 -12.66
CA HIS A 518 -1.35 21.21 -13.66
C HIS A 518 -1.66 20.46 -14.94
N PHE A 519 -2.22 19.25 -14.81
CA PHE A 519 -2.51 18.40 -15.94
C PHE A 519 -3.55 19.04 -16.85
N ILE A 520 -4.61 19.58 -16.24
CA ILE A 520 -5.70 20.18 -17.01
C ILE A 520 -5.22 21.49 -17.64
N SER A 521 -4.66 22.40 -16.82
CA SER A 521 -4.03 23.64 -17.27
C SER A 521 -3.14 23.44 -18.49
N THR A 522 -2.32 22.39 -18.50
CA THR A 522 -1.29 22.18 -19.53
C THR A 522 -1.89 21.56 -20.79
N ASN A 523 -2.88 20.67 -20.68
CA ASN A 523 -3.26 19.80 -21.78
C ASN A 523 -4.61 20.14 -22.42
N LEU A 524 -5.54 20.83 -21.73
CA LEU A 524 -6.90 20.89 -22.24
C LEU A 524 -7.07 22.21 -23.02
N GLU A 525 -7.77 22.09 -24.16
CA GLU A 525 -8.29 23.22 -24.91
C GLU A 525 -9.58 23.69 -24.24
N PHE A 526 -9.57 24.97 -23.85
CA PHE A 526 -10.75 25.67 -23.34
C PHE A 526 -11.42 26.39 -24.50
N SER A 527 -12.74 26.57 -24.40
CA SER A 527 -13.49 27.39 -25.35
C SER A 527 -12.94 28.81 -25.30
N PRO A 528 -12.86 29.52 -26.46
CA PRO A 528 -12.22 30.83 -26.53
C PRO A 528 -12.97 31.84 -25.67
N SER A 529 -12.25 32.54 -24.79
CA SER A 529 -12.85 33.47 -23.85
C SER A 529 -11.75 34.35 -23.24
N ASP A 530 -12.18 35.41 -22.56
CA ASP A 530 -11.31 36.43 -22.01
C ASP A 530 -10.78 36.05 -20.62
N LYS A 531 -11.31 34.97 -19.99
CA LYS A 531 -11.01 34.63 -18.60
C LYS A 531 -9.56 34.13 -18.49
N LYS A 532 -8.88 34.54 -17.41
CA LYS A 532 -7.42 34.42 -17.32
C LYS A 532 -7.04 33.01 -16.83
N LYS A 533 -7.39 32.65 -15.57
CA LYS A 533 -7.18 31.30 -15.05
C LYS A 533 -8.21 30.36 -15.70
N LYS A 534 -7.74 29.40 -16.51
CA LYS A 534 -8.63 28.38 -17.09
C LYS A 534 -9.04 27.38 -15.99
N VAL A 535 -8.18 27.18 -14.97
CA VAL A 535 -8.40 26.29 -13.86
C VAL A 535 -8.43 27.10 -12.57
N VAL A 536 -9.54 27.01 -11.82
CA VAL A 536 -9.77 27.80 -10.61
C VAL A 536 -9.91 26.83 -9.43
N ASN A 537 -9.00 26.93 -8.46
CA ASN A 537 -9.04 26.11 -7.26
C ASN A 537 -9.84 26.87 -6.22
N THR A 538 -10.96 26.31 -5.76
CA THR A 538 -11.82 26.96 -4.77
C THR A 538 -11.55 26.34 -3.41
N SER A 539 -11.72 27.11 -2.32
CA SER A 539 -11.53 26.59 -0.96
C SER A 539 -12.83 25.96 -0.45
N GLY A 540 -12.70 24.77 0.18
CA GLY A 540 -13.76 24.15 0.96
C GLY A 540 -14.41 25.10 1.98
N ARG A 541 -13.61 25.97 2.61
CA ARG A 541 -14.12 26.95 3.57
C ARG A 541 -15.14 27.89 2.94
N ILE A 542 -14.80 28.44 1.76
CA ILE A 542 -15.68 29.38 1.07
C ILE A 542 -16.93 28.60 0.66
N THR A 543 -16.75 27.44 0.00
CA THR A 543 -17.84 26.56 -0.39
C THR A 543 -18.75 26.26 0.80
N SER A 544 -18.15 25.90 1.94
CA SER A 544 -18.88 25.57 3.16
C SER A 544 -19.66 26.77 3.71
N HIS A 545 -19.09 27.98 3.64
CA HIS A 545 -19.78 29.18 4.11
C HIS A 545 -20.99 29.50 3.23
N LEU A 546 -20.82 29.48 1.90
CA LEU A 546 -21.88 29.74 0.95
C LEU A 546 -23.05 28.75 1.11
N ARG A 547 -22.76 27.45 1.26
CA ARG A 547 -23.85 26.47 1.43
C ARG A 547 -24.68 26.76 2.66
N SER A 548 -24.01 27.12 3.79
CA SER A 548 -24.66 27.50 5.04
C SER A 548 -25.48 28.77 4.88
N ARG A 549 -24.85 29.83 4.34
CA ARG A 549 -25.47 31.13 4.23
C ARG A 549 -26.70 31.02 3.32
N TRP A 550 -26.58 30.25 2.22
CA TRP A 550 -27.67 30.03 1.27
C TRP A 550 -28.71 29.01 1.77
N GLY A 551 -28.50 28.38 2.93
CA GLY A 551 -29.46 27.42 3.47
C GLY A 551 -29.57 26.13 2.65
N LEU A 552 -28.60 25.85 1.76
CA LEU A 552 -28.63 24.65 0.95
C LEU A 552 -28.46 23.40 1.82
N GLU A 553 -27.75 23.56 2.94
CA GLU A 553 -27.66 22.53 3.95
C GLU A 553 -29.02 22.33 4.62
N ASN A 559 -24.53 11.12 2.26
CA ASN A 559 -25.18 11.02 0.94
CA ASN A 559 -25.19 11.05 0.94
C ASN A 559 -24.14 11.30 -0.15
N ASP A 560 -24.37 10.78 -1.37
CA ASP A 560 -23.48 11.03 -2.50
C ASP A 560 -23.91 12.28 -3.30
N LEU A 561 -25.13 12.78 -3.11
CA LEU A 561 -25.61 13.94 -3.84
C LEU A 561 -24.95 15.23 -3.38
N HIS A 562 -24.44 15.33 -2.13
CA HIS A 562 -23.79 16.58 -1.72
C HIS A 562 -22.55 16.89 -2.57
N HIS A 563 -21.93 15.89 -3.22
CA HIS A 563 -20.83 16.15 -4.14
C HIS A 563 -21.31 16.94 -5.35
N ALA A 564 -22.53 16.64 -5.84
CA ALA A 564 -23.14 17.38 -6.92
C ALA A 564 -23.49 18.80 -6.49
N MET A 565 -23.99 18.95 -5.25
CA MET A 565 -24.35 20.26 -4.72
C MET A 565 -23.10 21.13 -4.67
N ASP A 566 -22.01 20.56 -4.12
CA ASP A 566 -20.72 21.24 -4.00
C ASP A 566 -20.18 21.63 -5.37
N ALA A 567 -20.30 20.72 -6.35
CA ALA A 567 -19.90 21.02 -7.73
C ALA A 567 -20.66 22.23 -8.29
N ILE A 568 -21.95 22.41 -7.92
CA ILE A 568 -22.71 23.58 -8.36
C ILE A 568 -22.09 24.84 -7.75
N VAL A 569 -21.90 24.84 -6.42
CA VAL A 569 -21.42 25.99 -5.66
C VAL A 569 -20.04 26.39 -6.18
N ILE A 570 -19.18 25.38 -6.38
CA ILE A 570 -17.85 25.54 -6.94
C ILE A 570 -17.91 26.25 -8.29
N ALA A 571 -18.80 25.79 -9.17
CA ALA A 571 -18.93 26.32 -10.52
C ALA A 571 -19.29 27.82 -10.52
N VAL A 572 -20.22 28.23 -9.64
CA VAL A 572 -20.64 29.63 -9.56
C VAL A 572 -19.76 30.42 -8.56
N THR A 573 -18.71 29.82 -7.99
CA THR A 573 -17.75 30.56 -7.18
C THR A 573 -16.57 31.03 -8.06
N SER A 574 -16.57 32.32 -8.39
CA SER A 574 -15.42 33.05 -8.88
C SER A 574 -14.88 33.99 -7.79
N ASP A 575 -13.80 34.72 -8.10
CA ASP A 575 -13.24 35.73 -7.20
C ASP A 575 -14.15 36.96 -7.14
N SER A 576 -14.80 37.32 -8.25
CA SER A 576 -15.69 38.47 -8.30
C SER A 576 -16.92 38.28 -7.39
N PHE A 577 -17.45 37.04 -7.28
CA PHE A 577 -18.54 36.73 -6.35
C PHE A 577 -18.11 36.73 -4.87
N ILE A 578 -16.86 36.30 -4.58
CA ILE A 578 -16.30 36.32 -3.23
C ILE A 578 -16.21 37.76 -2.71
N GLN A 579 -15.89 38.72 -3.59
CA GLN A 579 -15.84 40.14 -3.26
C GLN A 579 -17.20 40.65 -2.79
N GLN A 580 -18.29 40.24 -3.47
CA GLN A 580 -19.65 40.61 -3.08
C GLN A 580 -20.04 40.08 -1.70
N VAL A 581 -19.49 38.93 -1.26
CA VAL A 581 -19.70 38.45 0.11
C VAL A 581 -18.93 39.31 1.12
N THR A 582 -17.69 39.72 0.80
CA THR A 582 -16.87 40.54 1.70
C THR A 582 -17.38 41.98 1.75
N ASN A 583 -17.83 42.52 0.59
CA ASN A 583 -18.56 43.78 0.51
C ASN A 583 -19.78 43.78 1.44
N TYR A 584 -20.55 42.69 1.43
CA TYR A 584 -21.73 42.53 2.28
C TYR A 584 -21.30 42.55 3.75
N TYR A 585 -20.26 41.79 4.13
CA TYR A 585 -19.85 41.66 5.53
C TYR A 585 -19.16 42.93 6.02
N LYS A 586 -18.53 43.70 5.12
CA LYS A 586 -18.02 45.04 5.42
C LYS A 586 -19.18 46.03 5.61
N ARG A 587 -20.19 45.99 4.71
CA ARG A 587 -21.40 46.81 4.79
C ARG A 587 -22.22 46.50 6.04
N LYS A 588 -22.39 45.21 6.37
CA LYS A 588 -23.17 44.78 7.54
C LYS A 588 -22.46 45.19 8.84
N GLU A 589 -21.11 45.27 8.81
CA GLU A 589 -20.29 45.78 9.90
C GLU A 589 -20.46 47.29 10.10
N ARG A 590 -20.97 48.04 9.09
CA ARG A 590 -21.18 49.48 9.12
C ARG A 590 -19.82 50.19 9.16
N PHE A 599 -28.22 38.80 1.36
CA PHE A 599 -26.94 38.07 1.15
C PHE A 599 -26.79 37.68 -0.32
N PRO A 600 -25.62 37.89 -0.99
CA PRO A 600 -25.51 37.67 -2.43
C PRO A 600 -25.88 36.26 -2.91
N LEU A 601 -26.71 36.20 -3.97
CA LEU A 601 -27.13 34.98 -4.65
C LEU A 601 -26.58 35.04 -6.08
N PRO A 602 -26.27 33.92 -6.76
CA PRO A 602 -25.93 33.97 -8.19
C PRO A 602 -27.07 34.42 -9.10
N TRP A 603 -28.32 34.10 -8.75
CA TRP A 603 -29.49 34.54 -9.51
C TRP A 603 -30.75 34.19 -8.72
N LYS A 604 -31.91 34.70 -9.20
CA LYS A 604 -33.17 34.57 -8.49
C LYS A 604 -33.63 33.12 -8.57
N PHE A 605 -34.06 32.57 -7.42
CA PHE A 605 -34.48 31.19 -7.25
C PHE A 605 -33.32 30.18 -7.39
N PHE A 606 -32.07 30.60 -7.11
CA PHE A 606 -30.92 29.71 -7.18
C PHE A 606 -31.06 28.58 -6.14
N ARG A 607 -31.37 28.92 -4.87
CA ARG A 607 -31.60 27.91 -3.84
C ARG A 607 -32.62 26.86 -4.31
N GLU A 608 -33.78 27.34 -4.77
CA GLU A 608 -34.90 26.49 -5.17
C GLU A 608 -34.52 25.66 -6.40
N GLU A 609 -33.72 26.22 -7.31
CA GLU A 609 -33.25 25.50 -8.47
C GLU A 609 -32.31 24.36 -8.07
N VAL A 610 -31.38 24.62 -7.14
CA VAL A 610 -30.41 23.63 -6.70
C VAL A 610 -31.15 22.45 -6.06
N ILE A 611 -32.06 22.78 -5.13
CA ILE A 611 -32.89 21.77 -4.46
C ILE A 611 -33.67 20.96 -5.51
N ALA A 612 -34.27 21.65 -6.49
CA ALA A 612 -34.96 20.98 -7.58
C ALA A 612 -34.04 20.00 -8.32
N ARG A 613 -32.84 20.45 -8.70
CA ARG A 613 -31.95 19.61 -9.52
C ARG A 613 -31.36 18.44 -8.72
N LEU A 614 -31.27 18.58 -7.40
CA LEU A 614 -30.80 17.50 -6.53
C LEU A 614 -31.93 16.54 -6.13
N SER A 615 -33.19 16.79 -6.53
CA SER A 615 -34.33 16.06 -6.01
C SER A 615 -34.72 14.92 -6.96
N PRO A 616 -35.62 13.99 -6.52
CA PRO A 616 -36.18 12.96 -7.39
C PRO A 616 -37.25 13.45 -8.37
N ASN A 617 -37.88 14.60 -8.08
CA ASN A 617 -38.97 15.17 -8.87
C ASN A 617 -38.55 16.53 -9.41
N PRO A 618 -37.48 16.64 -10.25
CA PRO A 618 -36.96 17.96 -10.63
C PRO A 618 -37.94 18.80 -11.45
N LYS A 619 -38.63 18.15 -12.40
CA LYS A 619 -39.57 18.79 -13.31
C LYS A 619 -40.70 19.44 -12.51
N GLU A 620 -41.29 18.68 -11.59
CA GLU A 620 -42.36 19.17 -10.72
C GLU A 620 -41.89 20.38 -9.89
N GLN A 621 -40.67 20.35 -9.35
CA GLN A 621 -40.17 21.45 -8.53
C GLN A 621 -39.82 22.69 -9.36
N ILE A 622 -39.28 22.51 -10.58
CA ILE A 622 -38.99 23.65 -11.44
C ILE A 622 -40.29 24.30 -11.92
N GLU A 623 -41.27 23.49 -12.32
CA GLU A 623 -42.56 23.99 -12.80
C GLU A 623 -43.38 24.67 -11.69
N ALA A 624 -43.10 24.37 -10.42
CA ALA A 624 -43.74 25.04 -9.28
C ALA A 624 -43.20 26.45 -9.06
N LEU A 625 -42.03 26.77 -9.65
CA LEU A 625 -41.49 28.12 -9.55
C LEU A 625 -42.36 29.06 -10.38
N PRO A 626 -42.41 30.36 -10.03
CA PRO A 626 -43.10 31.35 -10.87
C PRO A 626 -42.57 31.46 -12.30
N ASN A 627 -43.51 31.58 -13.25
CA ASN A 627 -43.28 32.21 -14.55
C ASN A 627 -42.36 31.37 -15.42
N HIS A 628 -42.72 30.09 -15.61
CA HIS A 628 -42.01 29.19 -16.51
C HIS A 628 -40.50 29.40 -16.41
N PHE A 629 -39.96 29.12 -15.21
CA PHE A 629 -38.55 29.29 -14.86
C PHE A 629 -37.59 28.57 -15.84
N TYR A 630 -37.97 27.38 -16.33
CA TYR A 630 -37.28 26.71 -17.44
C TYR A 630 -38.18 26.71 -18.68
N SER A 631 -37.57 26.82 -19.87
CA SER A 631 -38.30 26.81 -21.14
C SER A 631 -38.90 25.42 -21.38
N GLU A 632 -39.74 25.32 -22.43
CA GLU A 632 -40.35 24.04 -22.77
C GLU A 632 -39.29 23.04 -23.23
N ASP A 633 -38.20 23.50 -23.85
CA ASP A 633 -37.10 22.64 -24.27
C ASP A 633 -36.35 22.10 -23.06
N GLU A 634 -35.97 23.02 -22.16
CA GLU A 634 -35.18 22.71 -20.97
C GLU A 634 -35.90 21.67 -20.10
N LEU A 635 -37.23 21.75 -19.99
CA LEU A 635 -38.03 20.80 -19.20
C LEU A 635 -38.09 19.43 -19.88
N ALA A 636 -38.14 19.39 -21.23
CA ALA A 636 -38.17 18.13 -21.96
C ALA A 636 -36.89 17.31 -21.76
N ASP A 637 -35.73 18.00 -21.62
CA ASP A 637 -34.43 17.38 -21.42
C ASP A 637 -34.18 16.95 -19.98
N LEU A 638 -35.04 17.35 -19.04
CA LEU A 638 -34.70 17.37 -17.63
C LEU A 638 -34.91 15.97 -17.06
N GLN A 639 -33.83 15.32 -16.58
CA GLN A 639 -33.86 14.05 -15.88
C GLN A 639 -33.49 14.20 -14.40
N PRO A 640 -33.95 13.29 -13.51
CA PRO A 640 -33.44 13.25 -12.13
C PRO A 640 -31.99 12.82 -12.12
N ILE A 641 -31.24 13.29 -11.13
CA ILE A 641 -29.86 12.89 -10.92
C ILE A 641 -29.81 11.38 -10.68
N PHE A 642 -28.93 10.68 -11.41
CA PHE A 642 -28.64 9.28 -11.18
C PHE A 642 -27.13 9.08 -11.03
N VAL A 643 -26.70 8.77 -9.79
CA VAL A 643 -25.30 8.57 -9.45
C VAL A 643 -24.79 7.34 -10.20
N SER A 644 -23.64 7.52 -10.85
CA SER A 644 -22.92 6.50 -11.60
C SER A 644 -21.85 5.87 -10.72
N ARG A 645 -21.87 4.53 -10.60
CA ARG A 645 -20.87 3.82 -9.81
C ARG A 645 -19.96 2.97 -10.68
N MET A 646 -18.66 3.09 -10.39
CA MET A 646 -17.66 2.46 -11.23
C MET A 646 -17.82 0.94 -11.14
N PRO A 647 -17.88 0.23 -12.30
CA PRO A 647 -17.97 -1.23 -12.27
C PRO A 647 -16.65 -1.87 -11.81
N LYS A 648 -16.76 -3.05 -11.18
CA LYS A 648 -15.65 -3.84 -10.69
C LYS A 648 -15.78 -5.24 -11.28
N ARG A 649 -15.20 -5.47 -12.48
CA ARG A 649 -15.41 -6.72 -13.19
C ARG A 649 -14.11 -7.51 -13.40
N SER A 650 -13.10 -7.29 -12.55
CA SER A 650 -11.89 -8.09 -12.51
C SER A 650 -12.20 -9.45 -11.85
N ILE A 651 -11.59 -10.54 -12.34
CA ILE A 651 -11.89 -11.86 -11.80
C ILE A 651 -10.72 -12.37 -10.94
N THR A 652 -9.72 -11.52 -10.66
CA THR A 652 -8.63 -11.89 -9.76
C THR A 652 -8.99 -11.38 -8.37
N GLY A 653 -8.40 -12.01 -7.34
CA GLY A 653 -8.65 -11.67 -5.94
C GLY A 653 -8.20 -12.80 -5.04
N GLU A 654 -8.17 -12.54 -3.73
CA GLU A 654 -7.92 -13.55 -2.72
C GLU A 654 -8.81 -14.78 -3.02
N ALA A 655 -8.19 -15.96 -3.07
CA ALA A 655 -8.82 -17.17 -3.55
C ALA A 655 -9.74 -17.80 -2.51
N HIS A 656 -9.39 -17.63 -1.23
CA HIS A 656 -10.04 -18.25 -0.10
C HIS A 656 -9.37 -17.67 1.14
N GLN A 657 -9.91 -17.95 2.33
CA GLN A 657 -9.33 -17.46 3.56
C GLN A 657 -8.05 -18.25 3.82
N ALA A 658 -7.21 -17.67 4.68
CA ALA A 658 -5.84 -18.11 4.87
C ALA A 658 -5.73 -19.32 5.81
N GLN A 659 -6.49 -19.36 6.92
CA GLN A 659 -6.22 -20.35 7.96
C GLN A 659 -6.80 -21.72 7.56
N PHE A 660 -5.98 -22.77 7.72
CA PHE A 660 -6.37 -24.14 7.42
C PHE A 660 -7.18 -24.65 8.60
N ARG A 661 -8.22 -25.46 8.31
CA ARG A 661 -9.10 -25.97 9.36
C ARG A 661 -9.30 -27.48 9.20
N ARG A 662 -9.73 -28.12 10.30
CA ARG A 662 -10.10 -29.53 10.29
C ARG A 662 -11.61 -29.63 10.12
N VAL A 663 -12.08 -30.61 9.33
CA VAL A 663 -13.49 -30.99 9.29
C VAL A 663 -13.72 -32.10 10.32
N VAL A 664 -14.55 -31.88 11.35
CA VAL A 664 -14.82 -32.87 12.39
C VAL A 664 -16.23 -33.47 12.30
N GLY A 665 -17.12 -33.00 11.40
CA GLY A 665 -18.45 -33.58 11.26
C GLY A 665 -19.37 -32.78 10.34
N LYS A 666 -20.66 -33.19 10.28
CA LYS A 666 -21.72 -32.58 9.48
C LYS A 666 -22.87 -32.16 10.42
N THR A 667 -23.46 -30.96 10.23
CA THR A 667 -24.70 -30.62 10.93
C THR A 667 -25.88 -31.37 10.28
N LYS A 668 -27.01 -31.41 10.99
CA LYS A 668 -28.32 -31.88 10.53
C LYS A 668 -28.71 -31.23 9.20
N GLU A 669 -28.52 -29.90 9.08
CA GLU A 669 -28.86 -29.13 7.89
C GLU A 669 -27.73 -29.17 6.83
N GLY A 670 -26.73 -30.06 6.99
CA GLY A 670 -25.77 -30.35 5.92
C GLY A 670 -24.54 -29.42 5.89
N LYS A 671 -24.30 -28.63 6.96
CA LYS A 671 -23.12 -27.78 7.03
C LYS A 671 -21.92 -28.61 7.46
N ASN A 672 -20.71 -28.16 7.08
CA ASN A 672 -19.48 -28.71 7.62
C ASN A 672 -19.37 -28.23 9.04
N ILE A 673 -18.92 -29.11 9.95
CA ILE A 673 -18.45 -28.68 11.26
C ILE A 673 -16.93 -28.65 11.15
N THR A 674 -16.33 -27.47 11.38
CA THR A 674 -14.90 -27.29 11.28
C THR A 674 -14.40 -27.10 12.69
N ALA A 675 -13.09 -27.29 12.87
CA ALA A 675 -12.43 -26.97 14.12
C ALA A 675 -11.07 -26.36 13.80
N LYS A 676 -10.61 -25.51 14.73
CA LYS A 676 -9.31 -24.87 14.64
C LYS A 676 -8.84 -24.50 16.03
N LYS A 677 -7.56 -24.76 16.25
CA LYS A 677 -6.87 -24.38 17.48
C LYS A 677 -7.01 -22.88 17.67
N THR A 678 -7.44 -22.49 18.88
CA THR A 678 -7.74 -21.11 19.20
C THR A 678 -7.14 -20.79 20.57
N ALA A 679 -6.40 -19.68 20.64
CA ALA A 679 -5.79 -19.21 21.89
C ALA A 679 -6.88 -18.87 22.90
N LEU A 680 -6.58 -19.11 24.18
CA LEU A 680 -7.57 -18.97 25.24
C LEU A 680 -8.15 -17.56 25.23
N VAL A 681 -7.29 -16.56 24.98
CA VAL A 681 -7.73 -15.18 24.95
C VAL A 681 -8.71 -14.88 23.80
N ASP A 682 -8.65 -15.63 22.68
CA ASP A 682 -9.51 -15.41 21.52
C ASP A 682 -10.75 -16.29 21.50
N ILE A 683 -10.91 -17.22 22.45
CA ILE A 683 -12.11 -18.03 22.55
C ILE A 683 -13.31 -17.12 22.84
N SER A 684 -14.47 -17.54 22.32
CA SER A 684 -15.77 -16.92 22.56
C SER A 684 -16.52 -17.69 23.65
N TYR A 685 -16.73 -17.05 24.82
CA TYR A 685 -17.42 -17.66 25.96
C TYR A 685 -18.84 -17.11 26.07
N ASP A 686 -19.80 -17.94 26.55
CA ASP A 686 -21.13 -17.45 26.89
C ASP A 686 -21.13 -16.84 28.31
N LYS A 687 -22.33 -16.45 28.78
CA LYS A 687 -22.58 -15.93 30.12
C LYS A 687 -21.99 -16.85 31.21
N ASN A 688 -22.13 -18.17 31.03
CA ASN A 688 -21.67 -19.16 32.00
C ASN A 688 -20.20 -19.55 31.83
N GLY A 689 -19.48 -18.95 30.87
CA GLY A 689 -18.11 -19.33 30.59
C GLY A 689 -17.96 -20.65 29.84
N ASP A 690 -19.03 -21.15 29.20
CA ASP A 690 -18.95 -22.32 28.34
C ASP A 690 -18.41 -21.89 26.97
N PHE A 691 -17.89 -22.87 26.21
CA PHE A 691 -17.34 -22.62 24.89
C PHE A 691 -17.42 -23.90 24.06
N ASN A 692 -17.36 -23.76 22.73
CA ASN A 692 -17.58 -24.86 21.79
C ASN A 692 -16.27 -25.62 21.54
N MET A 693 -15.69 -26.17 22.60
CA MET A 693 -14.45 -26.95 22.53
C MET A 693 -14.73 -28.31 21.88
N TYR A 694 -14.00 -28.60 20.80
CA TYR A 694 -13.93 -29.94 20.26
C TYR A 694 -13.12 -30.87 21.17
N GLY A 695 -13.65 -32.08 21.42
CA GLY A 695 -13.08 -33.05 22.33
C GLY A 695 -13.16 -32.67 23.82
N ARG A 696 -14.12 -31.81 24.21
CA ARG A 696 -14.42 -31.53 25.60
C ARG A 696 -14.61 -32.81 26.43
N GLU A 697 -15.26 -33.82 25.82
CA GLU A 697 -15.55 -35.10 26.48
C GLU A 697 -14.28 -35.91 26.73
N THR A 698 -13.24 -35.67 25.91
CA THR A 698 -11.95 -36.32 26.06
C THR A 698 -10.99 -35.44 26.85
N ASP A 699 -11.47 -34.35 27.48
CA ASP A 699 -10.62 -33.57 28.37
C ASP A 699 -11.45 -32.68 29.28
N PRO A 700 -12.23 -33.23 30.25
CA PRO A 700 -13.00 -32.40 31.18
C PRO A 700 -12.12 -31.55 32.09
N ALA A 701 -10.92 -32.04 32.42
CA ALA A 701 -10.00 -31.27 33.26
C ALA A 701 -9.63 -29.93 32.60
N THR A 702 -9.30 -29.97 31.30
CA THR A 702 -8.91 -28.76 30.57
C THR A 702 -10.13 -27.86 30.33
N TYR A 703 -11.22 -28.46 29.86
CA TYR A 703 -12.46 -27.73 29.70
C TYR A 703 -12.79 -26.98 31.01
N GLU A 704 -12.87 -27.72 32.12
CA GLU A 704 -13.21 -27.13 33.42
C GLU A 704 -12.19 -26.11 33.90
N ALA A 705 -10.88 -26.37 33.70
CA ALA A 705 -9.85 -25.41 34.08
C ALA A 705 -10.01 -24.04 33.37
N ILE A 706 -10.37 -24.04 32.09
CA ILE A 706 -10.50 -22.79 31.35
C ILE A 706 -11.74 -22.03 31.83
N LYS A 707 -12.92 -22.67 31.75
CA LYS A 707 -14.19 -22.14 32.24
C LYS A 707 -14.05 -21.59 33.66
N GLU A 708 -13.46 -22.39 34.55
CA GLU A 708 -13.25 -21.99 35.94
C GLU A 708 -12.38 -20.72 35.97
N ARG A 709 -11.30 -20.68 35.15
CA ARG A 709 -10.41 -19.52 35.08
C ARG A 709 -11.15 -18.29 34.55
N TYR A 710 -11.98 -18.48 33.53
CA TYR A 710 -12.78 -17.39 32.98
C TYR A 710 -13.71 -16.80 34.03
N LEU A 711 -14.38 -17.69 34.80
CA LEU A 711 -15.34 -17.27 35.81
C LEU A 711 -14.68 -16.67 37.04
N GLU A 712 -13.48 -17.14 37.45
CA GLU A 712 -12.73 -16.54 38.55
C GLU A 712 -12.58 -15.02 38.36
N PHE A 713 -12.21 -14.60 37.14
CA PHE A 713 -12.13 -13.20 36.76
C PHE A 713 -13.52 -12.75 36.30
N GLY A 714 -13.67 -11.48 35.92
CA GLY A 714 -15.01 -10.92 35.70
C GLY A 714 -15.53 -11.15 34.29
N GLY A 715 -15.23 -12.32 33.71
CA GLY A 715 -15.20 -12.49 32.26
C GLY A 715 -14.23 -11.51 31.57
N ASN A 716 -13.19 -11.05 32.28
CA ASN A 716 -12.15 -10.25 31.66
C ASN A 716 -11.15 -11.24 31.09
N VAL A 717 -11.18 -11.40 29.76
CA VAL A 717 -10.49 -12.49 29.11
C VAL A 717 -8.99 -12.21 29.15
N LYS A 718 -8.61 -10.96 28.83
CA LYS A 718 -7.21 -10.54 28.86
C LYS A 718 -6.62 -10.73 30.24
N LYS A 719 -7.35 -10.35 31.30
CA LYS A 719 -6.88 -10.53 32.68
C LYS A 719 -6.80 -12.02 33.03
N ALA A 720 -7.89 -12.77 32.72
CA ALA A 720 -7.98 -14.18 33.05
C ALA A 720 -6.81 -14.97 32.45
N PHE A 721 -6.46 -14.67 31.18
CA PHE A 721 -5.49 -15.48 30.46
C PHE A 721 -4.14 -14.78 30.34
N SER A 722 -3.91 -13.74 31.16
CA SER A 722 -2.60 -13.09 31.23
C SER A 722 -1.58 -13.91 32.04
N THR A 723 -2.00 -14.96 32.76
CA THR A 723 -1.06 -15.85 33.45
C THR A 723 -1.31 -17.30 33.03
N ASP A 724 -0.34 -18.16 33.34
CA ASP A 724 -0.36 -19.56 32.98
C ASP A 724 -1.60 -20.25 33.56
N LEU A 725 -2.19 -21.15 32.77
CA LEU A 725 -3.20 -22.09 33.20
C LEU A 725 -2.67 -23.49 32.94
N HIS A 726 -2.74 -24.36 33.96
CA HIS A 726 -2.32 -25.74 33.84
C HIS A 726 -3.53 -26.68 33.80
N LYS A 727 -3.39 -27.74 33.03
CA LYS A 727 -4.28 -28.88 33.07
C LYS A 727 -3.95 -29.65 34.35
N PRO A 728 -4.92 -29.93 35.28
CA PRO A 728 -4.62 -30.78 36.43
C PRO A 728 -4.40 -32.22 36.01
N LYS A 729 -3.39 -32.86 36.63
CA LYS A 729 -3.16 -34.28 36.46
C LYS A 729 -4.21 -35.08 37.22
N LYS A 730 -4.29 -36.38 36.93
CA LYS A 730 -5.15 -37.33 37.63
C LYS A 730 -4.94 -37.26 39.15
N ASP A 731 -3.68 -37.14 39.58
CA ASP A 731 -3.34 -37.01 40.99
C ASP A 731 -3.69 -35.62 41.53
N GLY A 732 -4.01 -34.65 40.66
CA GLY A 732 -4.46 -33.33 41.08
C GLY A 732 -3.37 -32.26 41.17
N THR A 733 -2.07 -32.65 41.10
CA THR A 733 -0.98 -31.70 40.97
C THR A 733 -0.99 -31.09 39.56
N LYS A 734 -0.11 -30.09 39.31
CA LYS A 734 -0.09 -29.37 38.05
C LYS A 734 0.60 -30.19 36.96
N GLY A 735 -0.12 -30.36 35.85
CA GLY A 735 0.41 -30.92 34.62
C GLY A 735 0.76 -29.83 33.61
N PRO A 736 0.57 -30.08 32.29
CA PRO A 736 1.07 -29.17 31.28
C PRO A 736 0.26 -27.88 31.24
N LEU A 737 0.86 -26.82 30.68
CA LEU A 737 0.15 -25.61 30.34
C LEU A 737 -0.91 -25.90 29.27
N ILE A 738 -1.95 -25.05 29.25
CA ILE A 738 -2.99 -25.01 28.26
C ILE A 738 -2.88 -23.64 27.62
N LYS A 739 -2.55 -23.61 26.33
CA LYS A 739 -2.39 -22.39 25.57
C LYS A 739 -3.51 -22.22 24.55
N SER A 740 -4.07 -23.32 24.04
CA SER A 740 -5.19 -23.23 23.11
C SER A 740 -5.98 -24.53 23.16
N VAL A 741 -7.19 -24.50 22.58
CA VAL A 741 -7.91 -25.71 22.23
C VAL A 741 -8.59 -25.51 20.89
N ARG A 742 -9.08 -26.63 20.33
CA ARG A 742 -9.81 -26.59 19.08
C ARG A 742 -11.25 -26.12 19.36
N ILE A 743 -11.73 -25.13 18.60
CA ILE A 743 -13.08 -24.63 18.72
C ILE A 743 -13.83 -25.03 17.46
N MET A 744 -15.07 -25.53 17.62
CA MET A 744 -15.92 -25.96 16.53
C MET A 744 -16.78 -24.81 16.05
N GLU A 745 -17.00 -24.75 14.73
CA GLU A 745 -17.99 -23.85 14.16
C GLU A 745 -18.51 -24.47 12.86
N ASN A 746 -19.58 -23.88 12.33
CA ASN A 746 -20.30 -24.50 11.23
C ASN A 746 -20.07 -23.67 9.99
N LYS A 747 -19.99 -24.30 8.82
CA LYS A 747 -19.87 -23.57 7.59
C LYS A 747 -20.37 -24.42 6.42
N THR A 748 -21.18 -23.83 5.53
CA THR A 748 -21.74 -24.56 4.39
C THR A 748 -20.64 -24.92 3.40
N LEU A 749 -19.83 -23.93 2.98
CA LEU A 749 -18.90 -24.09 1.88
C LEU A 749 -17.47 -24.03 2.40
N VAL A 750 -16.71 -25.12 2.17
CA VAL A 750 -15.28 -25.17 2.37
C VAL A 750 -14.61 -25.70 1.10
N HIS A 751 -13.28 -25.56 1.04
CA HIS A 751 -12.46 -26.02 -0.06
C HIS A 751 -11.26 -26.77 0.51
N PRO A 752 -10.86 -27.92 -0.06
CA PRO A 752 -9.74 -28.68 0.51
C PRO A 752 -8.43 -28.03 0.06
N VAL A 753 -7.39 -28.15 0.88
CA VAL A 753 -6.03 -27.77 0.48
C VAL A 753 -5.08 -28.88 0.92
N ASN A 754 -3.87 -28.84 0.35
CA ASN A 754 -2.78 -29.76 0.68
C ASN A 754 -3.28 -31.21 0.66
N LYS A 755 -3.77 -31.68 -0.50
CA LYS A 755 -4.22 -33.06 -0.68
C LYS A 755 -5.33 -33.41 0.32
N GLY A 756 -6.29 -32.50 0.51
CA GLY A 756 -7.37 -32.68 1.48
C GLY A 756 -6.95 -32.67 2.95
N LYS A 757 -5.72 -32.25 3.31
CA LYS A 757 -5.29 -32.31 4.70
C LYS A 757 -5.76 -31.10 5.49
N GLY A 758 -6.32 -30.09 4.82
CA GLY A 758 -7.05 -29.02 5.49
C GLY A 758 -8.19 -28.51 4.61
N VAL A 759 -9.07 -27.71 5.22
CA VAL A 759 -10.05 -26.95 4.46
C VAL A 759 -9.91 -25.46 4.78
N VAL A 760 -10.43 -24.65 3.86
CA VAL A 760 -10.43 -23.20 3.98
C VAL A 760 -11.81 -22.67 3.57
N TYR A 761 -12.16 -21.54 4.17
CA TYR A 761 -13.40 -20.83 3.89
C TYR A 761 -13.26 -19.95 2.66
N ASN A 762 -14.39 -19.38 2.22
CA ASN A 762 -14.41 -18.57 1.01
C ASN A 762 -14.02 -17.13 1.34
N SER A 763 -13.47 -16.48 0.30
CA SER A 763 -13.21 -15.04 0.25
C SER A 763 -14.26 -14.42 -0.66
N SER A 764 -14.09 -13.18 -1.11
CA SER A 764 -15.08 -12.49 -1.96
C SER A 764 -15.52 -13.33 -3.19
N ILE A 765 -16.84 -13.28 -3.47
CA ILE A 765 -17.48 -13.88 -4.62
C ILE A 765 -17.07 -13.10 -5.87
N VAL A 766 -16.77 -13.79 -6.97
CA VAL A 766 -16.41 -13.12 -8.20
C VAL A 766 -17.67 -12.56 -8.86
N ARG A 767 -18.69 -13.42 -9.04
CA ARG A 767 -19.92 -13.00 -9.69
C ARG A 767 -21.03 -13.96 -9.27
N THR A 768 -22.28 -13.49 -9.42
CA THR A 768 -23.45 -14.30 -9.15
C THR A 768 -24.17 -14.55 -10.49
N ASP A 769 -24.34 -15.82 -10.86
CA ASP A 769 -25.05 -16.19 -12.07
C ASP A 769 -26.53 -16.36 -11.71
N VAL A 770 -27.40 -15.65 -12.44
CA VAL A 770 -28.84 -15.66 -12.18
C VAL A 770 -29.55 -16.50 -13.25
N PHE A 771 -30.46 -17.36 -12.77
CA PHE A 771 -31.22 -18.28 -13.60
C PHE A 771 -32.71 -18.14 -13.33
N GLN A 772 -33.52 -18.50 -14.34
CA GLN A 772 -34.97 -18.55 -14.22
C GLN A 772 -35.46 -19.95 -14.53
N ARG A 773 -36.45 -20.43 -13.76
CA ARG A 773 -37.10 -21.71 -14.00
C ARG A 773 -38.53 -21.62 -13.48
N LYS A 774 -39.54 -21.86 -14.37
CA LYS A 774 -40.96 -21.81 -14.04
C LYS A 774 -41.29 -20.49 -13.32
N GLU A 775 -40.75 -19.38 -13.85
CA GLU A 775 -40.96 -18.01 -13.35
C GLU A 775 -40.36 -17.71 -11.97
N LYS A 776 -39.49 -18.58 -11.44
CA LYS A 776 -38.80 -18.33 -10.17
C LYS A 776 -37.32 -18.09 -10.44
N TYR A 777 -36.67 -17.34 -9.53
CA TYR A 777 -35.28 -16.94 -9.75
C TYR A 777 -34.36 -17.66 -8.77
N TYR A 778 -33.16 -17.98 -9.27
CA TYR A 778 -32.19 -18.84 -8.63
C TYR A 778 -30.81 -18.21 -8.80
N LEU A 779 -29.94 -18.39 -7.81
CA LEU A 779 -28.67 -17.70 -7.73
C LEU A 779 -27.55 -18.72 -7.56
N LEU A 780 -26.50 -18.58 -8.40
CA LEU A 780 -25.34 -19.46 -8.37
C LEU A 780 -24.11 -18.59 -8.13
N PRO A 781 -23.53 -18.58 -6.91
CA PRO A 781 -22.36 -17.76 -6.62
C PRO A 781 -21.11 -18.45 -7.17
N VAL A 782 -20.22 -17.64 -7.78
CA VAL A 782 -19.00 -18.12 -8.39
C VAL A 782 -17.84 -17.51 -7.61
N TYR A 783 -16.98 -18.36 -7.06
CA TYR A 783 -15.87 -17.96 -6.22
C TYR A 783 -14.56 -18.00 -6.99
N VAL A 784 -13.51 -17.42 -6.38
CA VAL A 784 -12.23 -17.30 -7.06
C VAL A 784 -11.65 -18.69 -7.24
N THR A 785 -11.86 -19.59 -6.27
CA THR A 785 -11.47 -20.99 -6.42
C THR A 785 -12.08 -21.63 -7.67
N ASP A 786 -13.24 -21.15 -8.17
CA ASP A 786 -13.85 -21.71 -9.38
C ASP A 786 -13.08 -21.35 -10.66
N VAL A 787 -12.21 -20.33 -10.64
CA VAL A 787 -11.51 -19.89 -11.84
C VAL A 787 -10.45 -20.91 -12.25
N THR A 788 -9.95 -21.72 -11.31
CA THR A 788 -8.94 -22.72 -11.63
C THR A 788 -9.58 -23.99 -12.21
N LYS A 789 -10.90 -24.19 -12.04
CA LYS A 789 -11.55 -25.42 -12.43
C LYS A 789 -11.68 -25.49 -13.95
N GLY A 790 -11.90 -26.68 -14.49
CA GLY A 790 -12.25 -26.83 -15.90
C GLY A 790 -13.66 -26.31 -16.19
N LYS A 791 -14.62 -26.71 -15.34
CA LYS A 791 -16.04 -26.42 -15.50
C LYS A 791 -16.49 -25.37 -14.47
N LEU A 792 -17.39 -24.47 -14.86
CA LEU A 792 -18.13 -23.60 -13.96
C LEU A 792 -18.90 -24.41 -12.91
N PRO A 793 -19.05 -23.91 -11.66
CA PRO A 793 -19.92 -24.58 -10.67
C PRO A 793 -21.36 -24.56 -11.19
N ASN A 794 -22.12 -25.59 -10.82
CA ASN A 794 -23.36 -25.93 -11.50
C ASN A 794 -24.54 -26.10 -10.54
N LYS A 795 -24.43 -25.65 -9.28
CA LYS A 795 -25.50 -25.79 -8.30
C LYS A 795 -25.98 -24.42 -7.83
N VAL A 796 -27.31 -24.19 -7.93
CA VAL A 796 -27.93 -22.97 -7.42
C VAL A 796 -28.23 -23.15 -5.93
N ILE A 797 -28.25 -22.03 -5.20
CA ILE A 797 -28.41 -22.04 -3.75
C ILE A 797 -29.78 -22.62 -3.39
N VAL A 798 -29.80 -23.47 -2.37
CA VAL A 798 -31.00 -23.74 -1.59
C VAL A 798 -30.75 -23.26 -0.17
N ALA A 799 -31.61 -22.34 0.30
CA ALA A 799 -31.55 -21.78 1.64
C ALA A 799 -31.49 -22.86 2.72
N LYS A 800 -30.50 -22.71 3.64
CA LYS A 800 -30.35 -23.46 4.87
C LYS A 800 -30.14 -24.96 4.60
N LYS A 801 -29.57 -25.32 3.44
CA LYS A 801 -29.18 -26.70 3.17
C LYS A 801 -27.72 -26.75 2.74
N GLY A 802 -27.06 -27.87 3.07
CA GLY A 802 -25.71 -28.16 2.61
C GLY A 802 -25.62 -28.27 1.09
N TYR A 803 -24.38 -28.18 0.61
CA TYR A 803 -24.06 -28.10 -0.81
C TYR A 803 -24.58 -29.31 -1.57
N HIS A 804 -24.60 -30.51 -0.92
CA HIS A 804 -25.11 -31.73 -1.52
C HIS A 804 -26.59 -31.60 -1.93
N ASP A 805 -27.35 -30.75 -1.20
CA ASP A 805 -28.78 -30.56 -1.42
C ASP A 805 -29.07 -29.29 -2.22
N TRP A 806 -28.04 -28.58 -2.71
CA TRP A 806 -28.29 -27.50 -3.67
C TRP A 806 -28.67 -28.17 -4.99
N ILE A 807 -29.29 -27.41 -5.90
CA ILE A 807 -29.92 -27.93 -7.10
C ILE A 807 -28.95 -27.80 -8.28
N GLU A 808 -28.75 -28.94 -8.95
CA GLU A 808 -27.98 -29.04 -10.18
C GLU A 808 -28.72 -28.31 -11.29
N VAL A 809 -28.01 -27.46 -12.05
CA VAL A 809 -28.59 -26.77 -13.20
C VAL A 809 -28.73 -27.75 -14.37
N ASP A 810 -29.85 -27.66 -15.10
CA ASP A 810 -30.16 -28.49 -16.26
C ASP A 810 -30.87 -27.65 -17.31
N ASP A 811 -31.46 -28.29 -18.33
CA ASP A 811 -32.18 -27.60 -19.39
C ASP A 811 -33.45 -26.89 -18.90
N SER A 812 -34.02 -27.27 -17.75
CA SER A 812 -35.16 -26.57 -17.16
C SER A 812 -34.85 -25.14 -16.72
N PHE A 813 -33.58 -24.82 -16.39
CA PHE A 813 -33.19 -23.46 -16.01
C PHE A 813 -32.71 -22.67 -17.22
N THR A 814 -33.18 -21.42 -17.35
CA THR A 814 -32.63 -20.48 -18.32
C THR A 814 -31.68 -19.50 -17.63
N PHE A 815 -30.45 -19.40 -18.14
CA PHE A 815 -29.48 -18.43 -17.66
C PHE A 815 -29.91 -17.04 -18.12
N LEU A 816 -29.90 -16.08 -17.20
CA LEU A 816 -30.28 -14.72 -17.54
C LEU A 816 -29.07 -13.82 -17.74
N PHE A 817 -28.20 -13.77 -16.71
CA PHE A 817 -27.08 -12.85 -16.66
C PHE A 817 -26.24 -13.10 -15.41
N SER A 818 -25.04 -12.48 -15.38
CA SER A 818 -24.13 -12.54 -14.23
C SER A 818 -24.06 -11.17 -13.58
N LEU A 819 -24.04 -11.13 -12.24
CA LEU A 819 -23.94 -9.89 -11.50
C LEU A 819 -22.57 -9.83 -10.81
N TYR A 820 -21.80 -8.81 -11.17
CA TYR A 820 -20.62 -8.40 -10.41
C TYR A 820 -21.03 -7.36 -9.38
N PRO A 821 -20.25 -7.14 -8.29
CA PRO A 821 -20.52 -6.03 -7.38
C PRO A 821 -20.55 -4.72 -8.14
N ASN A 822 -21.58 -3.89 -7.86
CA ASN A 822 -21.88 -2.63 -8.51
C ASN A 822 -22.43 -2.77 -9.93
N ASP A 823 -22.86 -3.97 -10.35
CA ASP A 823 -23.73 -4.05 -11.50
C ASP A 823 -25.10 -3.50 -11.08
N LEU A 824 -25.79 -2.85 -12.03
CA LEU A 824 -27.10 -2.25 -11.79
C LEU A 824 -28.20 -3.28 -12.07
N ILE A 825 -29.18 -3.36 -11.15
CA ILE A 825 -30.30 -4.29 -11.25
C ILE A 825 -31.60 -3.52 -11.13
N PHE A 826 -32.67 -4.13 -11.62
CA PHE A 826 -34.03 -3.70 -11.37
C PHE A 826 -34.81 -4.90 -10.84
N ILE A 827 -35.47 -4.72 -9.69
CA ILE A 827 -36.34 -5.76 -9.16
C ILE A 827 -37.72 -5.16 -8.87
N ARG A 828 -38.73 -6.02 -9.03
CA ARG A 828 -40.09 -5.74 -8.61
C ARG A 828 -40.55 -6.93 -7.78
N GLN A 829 -40.97 -6.62 -6.55
CA GLN A 829 -41.42 -7.60 -5.60
C GLN A 829 -42.81 -8.02 -6.04
N ASN A 830 -43.19 -9.27 -5.73
CA ASN A 830 -44.54 -9.80 -5.91
CA ASN A 830 -44.55 -9.68 -6.04
C ASN A 830 -45.51 -8.91 -5.14
N PRO A 831 -46.79 -8.73 -5.57
CA PRO A 831 -47.72 -7.85 -4.84
C PRO A 831 -47.94 -8.09 -3.34
N LYS A 832 -47.69 -9.31 -2.84
CA LYS A 832 -47.98 -9.64 -1.44
C LYS A 832 -47.09 -8.87 -0.43
N LYS A 833 -45.98 -8.27 -0.89
CA LYS A 833 -45.11 -7.52 0.01
C LYS A 833 -44.32 -6.47 -0.78
N LYS A 834 -43.58 -5.65 -0.02
CA LYS A 834 -42.71 -4.62 -0.53
C LYS A 834 -41.26 -4.86 -0.07
N ILE A 835 -40.34 -4.14 -0.71
CA ILE A 835 -38.94 -4.12 -0.31
C ILE A 835 -38.75 -3.01 0.72
N SER A 836 -38.16 -3.34 1.88
CA SER A 836 -37.87 -2.36 2.91
C SER A 836 -36.46 -1.76 2.70
N LEU A 837 -36.40 -0.54 2.16
CA LEU A 837 -35.15 0.20 2.05
C LEU A 837 -34.85 0.82 3.42
N LYS A 838 -33.60 0.70 3.90
CA LYS A 838 -33.14 1.22 5.19
C LYS A 838 -32.24 2.43 4.98
N LYS A 839 -32.48 3.49 5.76
CA LYS A 839 -31.69 4.71 5.70
C LYS A 839 -30.30 4.38 6.20
N ARG A 840 -29.26 4.69 5.41
CA ARG A 840 -27.89 4.42 5.82
C ARG A 840 -27.60 5.18 7.12
N ILE A 841 -28.04 6.45 7.19
CA ILE A 841 -27.87 7.26 8.38
C ILE A 841 -29.22 7.39 9.07
N GLU A 842 -29.35 6.74 10.24
CA GLU A 842 -30.59 6.82 11.02
C GLU A 842 -30.72 8.23 11.61
N SER A 843 -31.97 8.68 11.74
CA SER A 843 -32.34 10.07 11.97
C SER A 843 -33.37 10.18 13.12
N HIS A 844 -33.82 11.42 13.40
CA HIS A 844 -34.86 11.69 14.38
C HIS A 844 -36.28 11.47 13.82
N SER A 845 -36.39 11.07 12.53
CA SER A 845 -37.67 10.82 11.88
C SER A 845 -38.39 9.63 12.52
N ILE A 846 -39.73 9.69 12.52
CA ILE A 846 -40.62 8.60 12.94
C ILE A 846 -40.50 7.42 11.95
N SER A 847 -40.02 7.65 10.72
CA SER A 847 -39.71 6.61 9.73
C SER A 847 -38.28 6.70 9.18
N ASP A 848 -37.46 5.66 9.43
CA ASP A 848 -36.13 5.46 8.84
C ASP A 848 -36.11 4.29 7.85
N SER A 849 -37.28 3.87 7.35
CA SER A 849 -37.34 2.92 6.26
C SER A 849 -38.37 3.39 5.26
N LYS A 850 -38.20 2.96 4.02
CA LYS A 850 -39.10 3.27 2.92
C LYS A 850 -39.41 1.97 2.19
N GLU A 851 -40.70 1.64 2.05
CA GLU A 851 -41.11 0.36 1.51
C GLU A 851 -41.55 0.62 0.08
N VAL A 852 -40.96 -0.09 -0.89
CA VAL A 852 -41.24 0.17 -2.29
C VAL A 852 -41.60 -1.14 -2.96
N GLN A 853 -42.45 -1.04 -3.98
CA GLN A 853 -42.84 -2.20 -4.77
C GLN A 853 -41.69 -2.63 -5.68
N GLU A 854 -40.92 -1.65 -6.18
CA GLU A 854 -39.85 -1.91 -7.14
C GLU A 854 -38.73 -0.90 -7.00
N ILE A 855 -37.54 -1.23 -7.53
CA ILE A 855 -36.35 -0.42 -7.32
C ILE A 855 -35.28 -0.77 -8.35
N HIS A 856 -34.62 0.28 -8.87
CA HIS A 856 -33.33 0.21 -9.54
C HIS A 856 -32.24 0.37 -8.48
N ALA A 857 -31.21 -0.50 -8.48
CA ALA A 857 -30.22 -0.51 -7.40
C ALA A 857 -28.92 -1.14 -7.86
N TYR A 858 -27.85 -0.76 -7.16
CA TYR A 858 -26.55 -1.36 -7.40
C TYR A 858 -26.43 -2.61 -6.54
N TYR A 859 -26.17 -3.74 -7.19
CA TYR A 859 -26.02 -5.02 -6.53
C TYR A 859 -24.75 -5.02 -5.69
N LYS A 860 -24.85 -5.51 -4.45
CA LYS A 860 -23.67 -5.68 -3.59
C LYS A 860 -23.26 -7.13 -3.50
N GLY A 861 -24.21 -8.03 -3.20
CA GLY A 861 -23.85 -9.44 -3.13
C GLY A 861 -25.01 -10.32 -2.69
N VAL A 862 -24.66 -11.58 -2.43
CA VAL A 862 -25.59 -12.61 -2.07
C VAL A 862 -25.13 -13.30 -0.79
N ASP A 863 -26.14 -13.65 0.04
CA ASP A 863 -25.98 -14.49 1.21
C ASP A 863 -26.27 -15.94 0.80
N SER A 864 -25.22 -16.76 0.75
CA SER A 864 -25.26 -18.12 0.24
C SER A 864 -26.01 -19.08 1.17
N SER A 865 -26.21 -18.71 2.43
CA SER A 865 -27.05 -19.44 3.35
C SER A 865 -28.53 -19.23 3.06
N THR A 866 -28.94 -18.08 2.49
CA THR A 866 -30.36 -17.71 2.36
C THR A 866 -30.81 -17.48 0.91
N ALA A 867 -29.89 -17.47 -0.06
CA ALA A 867 -30.17 -17.00 -1.42
C ALA A 867 -30.82 -15.62 -1.42
N ALA A 868 -30.45 -14.75 -0.48
CA ALA A 868 -31.03 -13.42 -0.38
C ALA A 868 -29.93 -12.40 -0.69
N ILE A 869 -30.30 -11.30 -1.34
CA ILE A 869 -29.34 -10.34 -1.86
C ILE A 869 -29.36 -9.05 -1.05
N GLU A 870 -28.33 -8.24 -1.34
CA GLU A 870 -28.10 -6.93 -0.74
C GLU A 870 -27.82 -5.96 -1.90
N PHE A 871 -28.33 -4.73 -1.77
CA PHE A 871 -28.08 -3.67 -2.76
C PHE A 871 -28.22 -2.30 -2.10
N ILE A 872 -27.81 -1.28 -2.86
CA ILE A 872 -27.93 0.11 -2.46
C ILE A 872 -28.62 0.86 -3.58
N ILE A 873 -29.42 1.86 -3.21
CA ILE A 873 -29.92 2.79 -4.21
C ILE A 873 -28.76 3.65 -4.72
N HIS A 874 -29.02 4.37 -5.80
CA HIS A 874 -27.97 4.97 -6.62
C HIS A 874 -26.97 5.82 -5.84
N ASP A 875 -27.45 6.58 -4.86
CA ASP A 875 -26.65 7.56 -4.14
C ASP A 875 -26.18 7.04 -2.79
N GLY A 876 -26.43 5.75 -2.48
CA GLY A 876 -25.96 5.13 -1.25
C GLY A 876 -26.72 5.54 0.01
N SER A 877 -27.78 6.36 -0.08
CA SER A 877 -28.47 6.87 1.08
C SER A 877 -29.39 5.81 1.71
N TYR A 878 -29.86 4.84 0.90
CA TYR A 878 -30.64 3.71 1.39
C TYR A 878 -30.08 2.40 0.86
N TYR A 879 -30.29 1.32 1.64
CA TYR A 879 -29.91 -0.01 1.22
C TYR A 879 -30.98 -1.02 1.62
N ALA A 880 -30.90 -2.21 1.02
CA ALA A 880 -31.66 -3.34 1.51
C ALA A 880 -30.69 -4.50 1.63
N LYS A 881 -31.03 -5.43 2.53
CA LYS A 881 -30.24 -6.63 2.76
C LYS A 881 -31.16 -7.79 3.11
N GLY A 882 -30.80 -8.98 2.67
CA GLY A 882 -31.58 -10.18 2.89
C GLY A 882 -32.87 -10.20 2.08
N VAL A 883 -32.79 -9.76 0.82
CA VAL A 883 -33.96 -9.71 -0.05
C VAL A 883 -33.98 -11.00 -0.85
N GLY A 884 -34.95 -11.88 -0.57
CA GLY A 884 -35.04 -13.15 -1.29
C GLY A 884 -35.51 -12.90 -2.72
N VAL A 885 -34.95 -13.63 -3.70
CA VAL A 885 -35.18 -13.34 -5.10
C VAL A 885 -36.17 -14.31 -5.73
N GLN A 886 -36.44 -15.45 -5.09
CA GLN A 886 -37.05 -16.58 -5.74
C GLN A 886 -38.40 -16.20 -6.35
N ASN A 887 -39.23 -15.46 -5.60
CA ASN A 887 -40.60 -15.12 -6.00
C ASN A 887 -40.78 -13.66 -6.35
N LEU A 888 -39.74 -12.99 -6.85
CA LEU A 888 -39.91 -11.66 -7.41
C LEU A 888 -40.77 -11.74 -8.69
N ASP A 889 -41.51 -10.66 -8.96
CA ASP A 889 -42.21 -10.51 -10.23
C ASP A 889 -41.25 -10.24 -11.39
N CYS A 890 -40.21 -9.43 -11.17
CA CYS A 890 -39.24 -9.08 -12.19
CA CYS A 890 -39.24 -9.05 -12.20
C CYS A 890 -37.84 -8.95 -11.58
N PHE A 891 -36.83 -9.43 -12.31
CA PHE A 891 -35.43 -9.28 -11.97
C PHE A 891 -34.63 -9.05 -13.25
N GLU A 892 -34.19 -7.83 -13.51
CA GLU A 892 -33.48 -7.44 -14.73
C GLU A 892 -32.11 -6.83 -14.41
N LYS A 893 -31.25 -6.75 -15.44
CA LYS A 893 -29.92 -6.17 -15.33
C LYS A 893 -29.81 -4.98 -16.24
N TYR A 894 -29.16 -3.93 -15.73
CA TYR A 894 -28.87 -2.70 -16.44
C TYR A 894 -27.37 -2.41 -16.37
N GLN A 895 -26.92 -1.42 -17.14
CA GLN A 895 -25.55 -0.95 -17.07
C GLN A 895 -25.59 0.55 -17.22
N VAL A 896 -24.67 1.22 -16.51
CA VAL A 896 -24.65 2.65 -16.35
C VAL A 896 -23.41 3.16 -17.08
N ASP A 897 -23.46 4.37 -17.63
CA ASP A 897 -22.33 5.02 -18.27
C ASP A 897 -21.74 6.00 -17.27
N ILE A 898 -20.77 6.82 -17.70
CA ILE A 898 -19.97 7.64 -16.81
C ILE A 898 -20.86 8.70 -16.17
N LEU A 899 -21.83 9.21 -16.93
CA LEU A 899 -22.60 10.38 -16.52
C LEU A 899 -23.94 10.02 -15.88
N GLY A 900 -24.34 8.75 -15.85
CA GLY A 900 -25.56 8.36 -15.15
C GLY A 900 -26.68 7.79 -16.00
N ASN A 901 -26.49 7.72 -17.33
CA ASN A 901 -27.48 7.09 -18.20
C ASN A 901 -27.38 5.59 -18.03
N TYR A 902 -28.50 4.89 -18.09
CA TYR A 902 -28.43 3.43 -18.00
C TYR A 902 -29.27 2.77 -19.10
N PHE A 903 -28.91 1.50 -19.37
CA PHE A 903 -29.35 0.75 -20.54
C PHE A 903 -29.60 -0.69 -20.11
N LYS A 904 -30.72 -1.25 -20.55
CA LYS A 904 -31.12 -2.61 -20.19
C LYS A 904 -30.22 -3.63 -20.87
N VAL A 905 -29.83 -4.69 -20.15
CA VAL A 905 -29.15 -5.83 -20.75
C VAL A 905 -30.22 -6.79 -21.24
N LYS A 906 -30.23 -7.07 -22.54
CA LYS A 906 -31.26 -7.85 -23.19
C LYS A 906 -30.89 -9.33 -23.20
N GLY A 907 -29.59 -9.65 -23.39
CA GLY A 907 -29.15 -11.03 -23.43
C GLY A 907 -27.66 -11.16 -23.12
N GLU A 908 -27.30 -12.21 -22.33
CA GLU A 908 -25.92 -12.55 -22.03
C GLU A 908 -25.71 -14.06 -22.18
N LYS A 909 -24.44 -14.41 -22.48
CA LYS A 909 -23.95 -15.77 -22.41
C LYS A 909 -23.30 -15.97 -21.05
N ARG A 910 -23.46 -17.17 -20.47
CA ARG A 910 -22.75 -17.57 -19.28
C ARG A 910 -21.26 -17.80 -19.61
N LEU A 911 -20.39 -16.86 -19.23
CA LEU A 911 -18.99 -16.90 -19.63
C LEU A 911 -18.19 -17.89 -18.78
N GLU A 912 -17.28 -18.61 -19.45
CA GLU A 912 -16.26 -19.42 -18.79
C GLU A 912 -15.26 -18.48 -18.11
N LEU A 913 -14.51 -19.00 -17.14
CA LEU A 913 -13.51 -18.23 -16.38
C LEU A 913 -12.14 -18.89 -16.52
N GLU A 914 -11.17 -18.10 -17.02
CA GLU A 914 -9.86 -18.55 -17.48
C GLU A 914 -8.85 -17.43 -17.23
N THR A 915 -8.17 -17.48 -16.08
CA THR A 915 -7.02 -16.62 -15.77
C THR A 915 -5.83 -17.12 -16.59
N SER A 916 -4.84 -16.23 -16.86
CA SER A 916 -3.57 -16.66 -17.42
C SER A 916 -2.67 -17.38 -16.39
N ASP A 917 -3.14 -17.56 -15.13
CA ASP A 917 -2.42 -18.16 -14.02
C ASP A 917 -3.20 -19.31 -13.39
#